data_8I16
#
_entry.id   8I16
#
_cell.length_a   64.070
_cell.length_b   95.120
_cell.length_c   167.510
_cell.angle_alpha   90.00
_cell.angle_beta   90.00
_cell.angle_gamma   90.00
#
_symmetry.space_group_name_H-M   'P 21 21 21'
#
loop_
_entity.id
_entity.type
_entity.pdbx_description
1 polymer Cas12g
2 non-polymer 'ZINC ION'
3 water water
#
_entity_poly.entity_id   1
_entity_poly.type   'polypeptide(L)'
_entity_poly.pdbx_seq_one_letter_code
;(MSE)AQASSTPAVSPRPRPRYREERTLVRKLLPRPGQSKQEFRENVKKLRKAFLQFNADVSGVCQWAIQFRPRYGKPAE
PTETFWKFFLEPETSLPPNDSRSPEFRRLQAFEAAAGINGAAALDDPAFTNELRDSILAVASRPKTKEAQRLFSRLKDYQ
PAHR(MSE)ILAKVAAEWIESRYRRAHQNWERNYEEWKKEKQEWEQNHPELTPEIREAFNQIFQQLEVKEKRVRICPAAR
LLQNKDNCQYAGKNKHSVLCNQFNEFKKNHLQGKAIKFFYKDAEKYLRCGLQSLKPNVQGPFREDWNKYLRY(MSE)NLK
EETLRGKNGGRLPHCKNLGQECEFNPHTALCKQYQQQLSSRPDLVQHDELYRKWRREYWREPRKPVFRYPSVKRHSIAKI
FGENYFQADFKNSVVGLRLDS(MSE)PAGQYLEFAFAPWPRNYRPQPGETEISSVHLHFVGTRPRIGFRFRVPHKRSRFD
CTQEELDELRSRTFPRKAQDQKFLEAARKRLLETFPGNAEQELRLLAVALGTDSARAAFFIGKTFQQAFPLKIVKIEKLY
EQWPNQKQAGDRRDASSKQPRPGLSRDHVGRHLQK(MSE)RAQASEIAQKRQELTGTPAPETTTDQAAKKATLQPFDLRG
LTVHTAR(MSE)IRDWARLNARQIIQLAEENQVDLIVLESLRGFRPPGYENLDQEKKRRVAFFAHGRIRRKVTEKAVERG
(MSE)RVVTVPYLASSKVCAECRKKQKDNKQWEKNKKRGLFKCEGCGSQAQVDENAARVLGRVFWGEIELPTAIPLEHHH
HHH
;
_entity_poly.pdbx_strand_id   A
#
loop_
_chem_comp.id
_chem_comp.type
_chem_comp.name
_chem_comp.formula
ZN non-polymer 'ZINC ION' 'Zn 2'
#
# COMPACT_ATOMS: atom_id res chain seq x y z
N VAL A 10 18.61 -19.16 27.63
CA VAL A 10 17.88 -18.86 26.36
C VAL A 10 17.05 -17.58 26.59
N SER A 11 17.27 -16.52 25.80
CA SER A 11 16.54 -15.22 25.87
C SER A 11 15.27 -15.28 25.03
N PRO A 12 14.07 -15.06 25.60
CA PRO A 12 12.80 -15.39 24.93
C PRO A 12 12.63 -14.72 23.55
N ARG A 13 11.82 -15.33 22.68
CA ARG A 13 11.70 -15.03 21.22
C ARG A 13 10.53 -14.08 20.96
N PRO A 14 10.53 -13.30 19.85
CA PRO A 14 9.49 -12.29 19.60
C PRO A 14 8.15 -12.93 19.17
N ARG A 15 7.02 -12.34 19.56
CA ARG A 15 5.70 -12.90 19.17
C ARG A 15 5.58 -12.88 17.65
N PRO A 16 4.87 -13.88 17.07
CA PRO A 16 4.61 -13.91 15.63
C PRO A 16 3.81 -12.69 15.15
N ARG A 17 4.01 -12.32 13.90
CA ARG A 17 3.29 -11.21 13.26
C ARG A 17 2.09 -11.80 12.54
N TYR A 18 2.19 -13.03 11.99
CA TYR A 18 1.01 -13.71 11.41
C TYR A 18 0.38 -14.50 12.56
N ARG A 19 -0.71 -13.99 13.11
CA ARG A 19 -1.30 -14.45 14.39
C ARG A 19 -2.10 -15.74 14.12
N GLU A 20 -2.13 -16.64 15.10
CA GLU A 20 -2.73 -17.99 15.02
C GLU A 20 -4.15 -17.87 15.56
N GLU A 21 -4.92 -16.98 14.98
CA GLU A 21 -6.24 -16.61 15.52
C GLU A 21 -7.09 -16.09 14.38
N ARG A 22 -8.40 -16.14 14.59
CA ARG A 22 -9.45 -15.78 13.63
C ARG A 22 -10.48 -14.97 14.40
N THR A 23 -11.17 -14.12 13.69
CA THR A 23 -12.32 -13.36 14.19
C THR A 23 -13.40 -13.61 13.14
N LEU A 24 -14.53 -14.17 13.53
CA LEU A 24 -15.68 -14.25 12.63
C LEU A 24 -16.66 -13.14 13.00
N VAL A 25 -16.93 -12.26 12.06
CA VAL A 25 -17.78 -11.06 12.26
C VAL A 25 -19.20 -11.38 11.77
N ARG A 26 -20.16 -11.04 12.61
CA ARG A 26 -21.61 -11.25 12.41
C ARG A 26 -22.34 -9.96 12.74
N LYS A 27 -23.40 -9.65 11.99
CA LYS A 27 -24.32 -8.52 12.27
C LYS A 27 -25.01 -8.80 13.59
N LEU A 28 -25.10 -7.83 14.51
CA LEU A 28 -26.01 -7.89 15.67
C LEU A 28 -27.40 -7.61 15.14
N LEU A 29 -28.39 -8.38 15.60
CA LEU A 29 -29.81 -8.34 15.15
C LEU A 29 -30.68 -8.15 16.37
N PRO A 30 -31.94 -7.67 16.21
CA PRO A 30 -32.90 -7.66 17.30
C PRO A 30 -33.20 -9.12 17.67
N ARG A 31 -33.25 -9.41 18.97
CA ARG A 31 -33.65 -10.72 19.54
C ARG A 31 -35.15 -10.90 19.28
N PRO A 32 -35.62 -12.05 18.75
CA PRO A 32 -37.02 -12.17 18.34
C PRO A 32 -37.99 -11.88 19.49
N GLY A 33 -38.96 -10.99 19.28
CA GLY A 33 -39.93 -10.55 20.30
C GLY A 33 -39.51 -9.31 21.06
N GLN A 34 -38.54 -8.52 20.56
CA GLN A 34 -38.13 -7.26 21.23
C GLN A 34 -38.43 -6.09 20.28
N SER A 35 -38.93 -5.00 20.85
CA SER A 35 -39.31 -3.78 20.10
C SER A 35 -38.05 -3.18 19.46
N LYS A 36 -38.18 -2.73 18.22
CA LYS A 36 -37.20 -1.87 17.52
C LYS A 36 -36.67 -0.82 18.50
N GLN A 37 -37.51 -0.33 19.42
CA GLN A 37 -37.11 0.74 20.37
C GLN A 37 -36.14 0.17 21.41
N GLU A 38 -36.38 -1.05 21.89
CA GLU A 38 -35.50 -1.70 22.89
C GLU A 38 -34.12 -1.91 22.24
N PHE A 39 -34.09 -2.60 21.11
CA PHE A 39 -32.86 -2.78 20.30
C PHE A 39 -32.11 -1.45 20.24
N ARG A 40 -32.75 -0.41 19.71
CA ARG A 40 -32.14 0.93 19.47
C ARG A 40 -31.47 1.45 20.74
N GLU A 41 -32.13 1.34 21.90
CA GLU A 41 -31.66 1.82 23.23
C GLU A 41 -30.44 0.98 23.66
N ASN A 42 -30.49 -0.33 23.36
CA ASN A 42 -29.39 -1.28 23.64
C ASN A 42 -28.21 -0.98 22.69
N VAL A 43 -28.49 -0.80 21.41
CA VAL A 43 -27.47 -0.44 20.38
C VAL A 43 -26.83 0.90 20.75
N LYS A 44 -27.61 1.84 21.24
CA LYS A 44 -27.10 3.14 21.78
C LYS A 44 -26.07 2.87 22.88
N LYS A 45 -26.30 1.85 23.72
CA LYS A 45 -25.39 1.57 24.86
C LYS A 45 -24.09 0.97 24.31
N LEU A 46 -24.19 0.09 23.31
CA LEU A 46 -23.02 -0.53 22.62
C LEU A 46 -22.21 0.56 21.92
N ARG A 47 -22.89 1.50 21.23
CA ARG A 47 -22.22 2.63 20.51
C ARG A 47 -21.46 3.49 21.52
N LYS A 48 -22.08 3.85 22.64
CA LYS A 48 -21.40 4.66 23.67
C LYS A 48 -20.17 3.89 24.18
N ALA A 49 -20.27 2.58 24.38
CA ALA A 49 -19.14 1.79 24.96
C ALA A 49 -18.02 1.68 23.90
N PHE A 50 -18.38 1.48 22.63
CA PHE A 50 -17.43 1.47 21.49
C PHE A 50 -16.67 2.79 21.44
N LEU A 51 -17.40 3.91 21.51
CA LEU A 51 -16.79 5.26 21.40
C LEU A 51 -15.94 5.52 22.64
N GLN A 52 -16.36 5.09 23.83
CA GLN A 52 -15.56 5.31 25.07
C GLN A 52 -14.24 4.50 24.98
N PHE A 53 -14.31 3.32 24.39
CA PHE A 53 -13.14 2.42 24.24
C PHE A 53 -12.11 3.04 23.30
N ASN A 54 -12.59 3.67 22.21
CA ASN A 54 -11.76 4.46 21.28
C ASN A 54 -11.14 5.65 22.00
N ALA A 55 -11.92 6.40 22.76
CA ALA A 55 -11.42 7.55 23.55
C ALA A 55 -10.30 7.10 24.49
N ASP A 56 -10.49 5.95 25.13
CA ASP A 56 -9.57 5.38 26.17
C ASP A 56 -8.28 4.88 25.53
N VAL A 57 -8.37 4.14 24.43
CA VAL A 57 -7.17 3.59 23.76
C VAL A 57 -6.37 4.75 23.20
N SER A 58 -7.05 5.69 22.54
CA SER A 58 -6.44 6.89 21.93
C SER A 58 -5.76 7.75 23.01
N GLY A 59 -6.42 7.95 24.14
CA GLY A 59 -5.81 8.63 25.31
C GLY A 59 -4.53 7.91 25.74
N VAL A 60 -4.53 6.58 25.82
CA VAL A 60 -3.32 5.80 26.23
C VAL A 60 -2.22 5.97 25.18
N CYS A 61 -2.60 5.88 23.91
CA CYS A 61 -1.66 6.09 22.79
C CYS A 61 -1.04 7.49 22.85
N GLN A 62 -1.85 8.54 23.06
CA GLN A 62 -1.38 9.94 23.15
C GLN A 62 -0.32 10.03 24.24
N TRP A 63 -0.56 9.40 25.37
CA TRP A 63 0.42 9.37 26.48
C TRP A 63 1.66 8.55 26.07
N ALA A 64 1.46 7.32 25.58
CA ALA A 64 2.59 6.39 25.33
C ALA A 64 3.52 6.93 24.25
N ILE A 65 2.96 7.60 23.23
CA ILE A 65 3.72 7.95 21.98
C ILE A 65 4.75 9.06 22.29
N GLN A 66 4.62 9.78 23.41
CA GLN A 66 5.60 10.85 23.77
C GLN A 66 6.95 10.21 24.11
N PHE A 67 7.01 8.91 24.42
CA PHE A 67 8.28 8.19 24.76
C PHE A 67 8.79 7.40 23.57
N ARG A 68 8.31 7.63 22.35
CA ARG A 68 8.87 6.92 21.17
C ARG A 68 10.33 7.35 21.06
N PRO A 69 11.27 6.46 20.71
CA PRO A 69 12.64 6.88 20.40
C PRO A 69 12.68 7.82 19.18
N ARG A 70 13.47 8.88 19.23
CA ARG A 70 13.57 9.85 18.11
C ARG A 70 14.86 9.53 17.36
N TYR A 71 14.73 9.27 16.05
CA TYR A 71 15.83 8.90 15.15
C TYR A 71 17.04 9.83 15.35
N GLY A 72 18.24 9.23 15.30
CA GLY A 72 19.54 9.88 15.48
C GLY A 72 19.60 10.72 16.73
N LYS A 73 18.99 10.29 17.83
CA LYS A 73 19.14 11.00 19.14
C LYS A 73 19.56 9.99 20.19
N PRO A 74 20.15 10.45 21.31
CA PRO A 74 20.45 9.56 22.42
C PRO A 74 19.16 8.94 22.98
N ALA A 75 19.21 7.64 23.25
CA ALA A 75 18.17 6.94 24.03
C ALA A 75 17.87 7.78 25.28
N GLU A 76 16.61 8.18 25.46
CA GLU A 76 16.09 8.75 26.72
C GLU A 76 16.02 7.65 27.79
N PRO A 77 15.99 8.00 29.09
CA PRO A 77 15.86 7.00 30.16
C PRO A 77 14.49 6.28 30.17
N THR A 78 13.54 6.83 29.42
CA THR A 78 12.15 6.32 29.27
C THR A 78 12.11 5.17 28.25
N GLU A 79 13.23 4.83 27.57
CA GLU A 79 13.16 4.00 26.34
C GLU A 79 12.82 2.55 26.71
N THR A 80 13.36 2.02 27.80
CA THR A 80 13.17 0.62 28.24
C THR A 80 11.68 0.43 28.52
N PHE A 81 11.01 1.41 29.11
CA PHE A 81 9.57 1.28 29.40
C PHE A 81 8.83 1.25 28.07
N TRP A 82 9.25 2.09 27.11
CA TRP A 82 8.67 2.11 25.74
C TRP A 82 8.78 0.71 25.12
N LYS A 83 9.96 0.11 25.15
CA LYS A 83 10.19 -1.19 24.47
C LYS A 83 9.34 -2.29 25.12
N PHE A 84 9.18 -2.22 26.43
CA PHE A 84 8.49 -3.23 27.23
C PHE A 84 6.97 -3.11 27.03
N PHE A 85 6.46 -1.88 27.01
CA PHE A 85 5.02 -1.59 26.85
C PHE A 85 4.57 -2.22 25.53
N LEU A 86 5.37 -2.04 24.50
CA LEU A 86 5.12 -2.55 23.12
C LEU A 86 5.26 -4.08 23.01
N GLU A 87 6.35 -4.65 23.48
CA GLU A 87 6.64 -6.11 23.37
C GLU A 87 7.21 -6.58 24.71
N PRO A 88 6.34 -6.86 25.70
CA PRO A 88 6.78 -7.29 27.03
C PRO A 88 7.42 -8.69 27.06
N GLU A 89 7.05 -9.57 26.13
CA GLU A 89 7.44 -11.02 26.15
C GLU A 89 8.95 -11.19 26.04
N THR A 90 9.65 -10.32 25.31
CA THR A 90 11.12 -10.45 25.09
C THR A 90 11.94 -10.07 26.34
N SER A 91 11.34 -9.49 27.38
CA SER A 91 12.07 -9.07 28.61
C SER A 91 11.66 -9.90 29.83
N LEU A 92 10.66 -10.75 29.72
CA LEU A 92 10.11 -11.52 30.88
C LEU A 92 10.65 -12.95 30.86
N PRO A 93 10.78 -13.59 32.03
CA PRO A 93 11.16 -15.00 32.07
C PRO A 93 10.09 -15.90 31.43
N PRO A 94 10.48 -16.90 30.63
CA PRO A 94 9.51 -17.83 30.04
C PRO A 94 8.67 -18.57 31.09
N ASN A 95 9.21 -18.85 32.28
CA ASN A 95 8.54 -19.63 33.36
C ASN A 95 7.73 -18.69 34.29
N ASP A 96 7.52 -17.45 33.88
CA ASP A 96 6.66 -16.49 34.63
C ASP A 96 5.30 -17.17 34.82
N SER A 97 4.80 -17.10 36.04
CA SER A 97 3.47 -17.60 36.43
C SER A 97 2.39 -16.71 35.78
N ARG A 98 2.69 -15.43 35.55
CA ARG A 98 1.72 -14.42 35.03
C ARG A 98 1.98 -14.23 33.52
N SER A 99 1.00 -13.69 32.79
CA SER A 99 1.07 -13.41 31.32
C SER A 99 1.76 -12.08 31.04
N PRO A 100 2.42 -11.93 29.88
CA PRO A 100 3.02 -10.65 29.48
C PRO A 100 1.99 -9.51 29.53
N GLU A 101 0.75 -9.83 29.21
CA GLU A 101 -0.36 -8.85 29.27
C GLU A 101 -0.47 -8.32 30.72
N PHE A 102 -0.35 -9.19 31.73
CA PHE A 102 -0.60 -8.79 33.14
C PHE A 102 0.62 -7.97 33.54
N ARG A 103 1.80 -8.37 33.08
CA ARG A 103 3.07 -7.67 33.43
C ARG A 103 3.03 -6.26 32.83
N ARG A 104 2.59 -6.13 31.57
CA ARG A 104 2.38 -4.82 30.93
C ARG A 104 1.42 -4.00 31.80
N LEU A 105 0.31 -4.58 32.23
CA LEU A 105 -0.63 -3.83 33.07
C LEU A 105 0.12 -3.22 34.26
N GLN A 106 0.96 -4.02 34.94
CA GLN A 106 1.63 -3.57 36.19
C GLN A 106 2.60 -2.44 35.84
N ALA A 107 3.38 -2.59 34.79
CA ALA A 107 4.36 -1.56 34.36
C ALA A 107 3.62 -0.24 34.02
N PHE A 108 2.51 -0.36 33.32
CA PHE A 108 1.69 0.80 32.88
C PHE A 108 1.16 1.56 34.11
N GLU A 109 0.55 0.83 35.05
CA GLU A 109 -0.01 1.42 36.30
C GLU A 109 1.09 2.18 37.06
N ALA A 110 2.26 1.59 37.24
CA ALA A 110 3.39 2.25 37.93
C ALA A 110 3.81 3.50 37.17
N ALA A 111 3.99 3.38 35.85
CA ALA A 111 4.52 4.46 34.98
C ALA A 111 3.54 5.64 34.93
N ALA A 112 2.25 5.36 35.10
CA ALA A 112 1.15 6.34 34.94
C ALA A 112 0.70 6.88 36.31
N GLY A 113 1.19 6.30 37.41
CA GLY A 113 0.86 6.74 38.79
C GLY A 113 -0.55 6.35 39.17
N ILE A 114 -1.13 5.36 38.48
CA ILE A 114 -2.40 4.66 38.88
C ILE A 114 -2.09 3.80 40.12
N ASN A 115 -0.86 3.26 40.22
CA ASN A 115 -0.31 2.56 41.42
C ASN A 115 1.11 3.05 41.70
N GLY A 116 1.77 2.48 42.72
CA GLY A 116 3.18 2.72 43.04
C GLY A 116 4.06 1.64 42.43
N ALA A 117 5.36 1.68 42.75
CA ALA A 117 6.43 0.78 42.23
C ALA A 117 6.47 -0.54 43.00
N ALA A 118 5.57 -0.73 43.98
CA ALA A 118 5.52 -1.89 44.91
C ALA A 118 5.43 -3.19 44.08
N ALA A 119 4.40 -3.30 43.24
CA ALA A 119 4.15 -4.41 42.28
C ALA A 119 5.42 -4.74 41.48
N LEU A 120 6.27 -3.75 41.20
CA LEU A 120 7.52 -3.92 40.42
C LEU A 120 8.69 -4.52 41.23
N ASP A 121 8.53 -4.82 42.53
CA ASP A 121 9.58 -5.50 43.36
C ASP A 121 9.76 -6.95 42.85
N ASP A 122 8.80 -7.47 42.09
CA ASP A 122 8.81 -8.80 41.44
C ASP A 122 10.05 -9.00 40.56
N PRO A 123 10.77 -10.14 40.68
CA PRO A 123 11.96 -10.40 39.88
C PRO A 123 11.76 -10.63 38.36
N ALA A 124 10.50 -10.79 37.91
CA ALA A 124 10.11 -10.75 36.48
C ALA A 124 10.66 -9.49 35.77
N PHE A 125 10.69 -8.36 36.47
CA PHE A 125 11.13 -7.04 35.96
C PHE A 125 12.61 -6.83 36.25
N THR A 126 13.38 -6.41 35.26
CA THR A 126 14.78 -5.97 35.40
C THR A 126 14.86 -4.64 36.15
N ASN A 127 16.04 -4.26 36.68
CA ASN A 127 16.26 -2.92 37.29
C ASN A 127 16.15 -1.82 36.23
N GLU A 128 16.73 -2.03 35.04
CA GLU A 128 16.61 -1.13 33.85
C GLU A 128 15.14 -0.75 33.64
N LEU A 129 14.23 -1.72 33.63
CA LEU A 129 12.79 -1.44 33.51
C LEU A 129 12.36 -0.58 34.69
N ARG A 130 12.65 -1.04 35.90
CA ARG A 130 12.25 -0.31 37.13
C ARG A 130 12.76 1.12 37.00
N ASP A 131 14.00 1.28 36.54
CA ASP A 131 14.59 2.64 36.46
C ASP A 131 13.84 3.43 35.38
N SER A 132 13.51 2.79 34.25
CA SER A 132 12.85 3.50 33.13
C SER A 132 11.46 3.94 33.57
N ILE A 133 10.79 3.10 34.37
CA ILE A 133 9.38 3.35 34.80
C ILE A 133 9.33 4.54 35.77
N LEU A 134 10.21 4.58 36.76
CA LEU A 134 10.53 5.76 37.63
C LEU A 134 10.72 7.00 36.75
N ALA A 135 11.62 6.97 35.77
CA ALA A 135 11.85 8.12 34.88
C ALA A 135 10.53 8.56 34.20
N VAL A 136 9.69 7.62 33.71
CA VAL A 136 8.36 7.99 33.14
C VAL A 136 7.49 8.66 34.20
N ALA A 137 7.42 8.09 35.39
CA ALA A 137 6.50 8.53 36.45
C ALA A 137 6.93 9.89 36.99
N SER A 138 8.22 10.21 36.96
CA SER A 138 8.77 11.48 37.51
C SER A 138 8.38 12.67 36.64
N ARG A 139 8.00 12.47 35.37
CA ARG A 139 7.72 13.58 34.44
C ARG A 139 6.34 14.17 34.72
N PRO A 140 6.19 15.50 34.58
CA PRO A 140 4.87 16.13 34.63
C PRO A 140 3.92 15.50 33.60
N LYS A 141 2.63 15.43 33.93
CA LYS A 141 1.58 14.92 33.02
C LYS A 141 0.83 16.14 32.49
N THR A 142 0.55 16.17 31.20
CA THR A 142 -0.45 17.09 30.60
C THR A 142 -1.77 16.97 31.39
N LYS A 143 -2.63 17.98 31.27
CA LYS A 143 -4.00 17.98 31.82
C LYS A 143 -4.77 16.77 31.25
N GLU A 144 -4.54 16.44 29.95
CA GLU A 144 -5.24 15.38 29.18
C GLU A 144 -4.93 14.03 29.82
N ALA A 145 -3.65 13.76 30.07
CA ALA A 145 -3.16 12.52 30.69
C ALA A 145 -3.71 12.42 32.13
N GLN A 146 -3.73 13.51 32.88
CA GLN A 146 -4.29 13.52 34.27
C GLN A 146 -5.78 13.12 34.20
N ARG A 147 -6.52 13.63 33.21
CA ARG A 147 -7.96 13.34 33.01
C ARG A 147 -8.11 11.84 32.68
N LEU A 148 -7.28 11.34 31.77
CA LEU A 148 -7.35 9.92 31.34
C LEU A 148 -7.06 9.04 32.56
N PHE A 149 -5.99 9.31 33.33
CA PHE A 149 -5.56 8.41 34.44
C PHE A 149 -6.52 8.49 35.62
N SER A 150 -7.06 9.67 35.89
CA SER A 150 -8.14 9.90 36.87
C SER A 150 -9.35 9.00 36.54
N ARG A 151 -9.74 8.90 35.27
CA ARG A 151 -10.83 8.01 34.77
C ARG A 151 -10.43 6.51 34.88
N LEU A 152 -9.26 6.14 34.39
CA LEU A 152 -8.84 4.72 34.30
C LEU A 152 -8.58 4.12 35.69
N LYS A 153 -8.20 4.93 36.67
CA LYS A 153 -7.97 4.52 38.09
C LYS A 153 -9.18 3.74 38.64
N ASP A 154 -10.40 4.16 38.27
CA ASP A 154 -11.69 3.64 38.80
C ASP A 154 -12.21 2.51 37.91
N TYR A 155 -11.50 2.15 36.83
CA TYR A 155 -11.86 0.96 36.02
C TYR A 155 -11.44 -0.29 36.80
N GLN A 156 -12.11 -1.41 36.56
CA GLN A 156 -11.65 -2.78 36.95
C GLN A 156 -10.32 -3.14 36.30
N PRO A 157 -9.47 -3.87 37.00
CA PRO A 157 -8.19 -4.27 36.44
C PRO A 157 -8.26 -4.93 35.06
N ALA A 158 -9.25 -5.75 34.81
CA ALA A 158 -9.34 -6.42 33.54
C ALA A 158 -9.57 -5.50 32.35
N HIS A 159 -10.26 -4.40 32.58
CA HIS A 159 -10.51 -3.46 31.53
C HIS A 159 -9.28 -2.63 31.28
N ARG A 160 -8.50 -2.37 32.31
CA ARG A 160 -7.28 -1.65 32.15
C ARG A 160 -6.25 -2.50 31.39
N MSE A 161 -6.27 -3.79 31.63
CA MSE A 161 -5.38 -4.68 30.97
C MSE A 161 -5.70 -4.69 29.51
O MSE A 161 -4.78 -4.64 28.73
CB MSE A 161 -5.52 -6.06 31.54
CG MSE A 161 -4.28 -6.88 31.29
SE MSE A 161 -4.40 -8.68 32.02
CE MSE A 161 -5.10 -8.38 33.80
N ILE A 162 -6.96 -4.76 29.14
CA ILE A 162 -7.34 -4.75 27.75
C ILE A 162 -6.94 -3.45 27.09
N LEU A 163 -7.15 -2.35 27.76
CA LEU A 163 -6.81 -1.06 27.21
C LEU A 163 -5.34 -0.95 26.92
N ALA A 164 -4.52 -1.35 27.87
CA ALA A 164 -3.09 -1.30 27.70
C ALA A 164 -2.65 -2.16 26.55
N LYS A 165 -3.21 -3.35 26.46
CA LYS A 165 -2.88 -4.31 25.38
C LYS A 165 -3.28 -3.70 24.02
N VAL A 166 -4.48 -3.15 23.89
CA VAL A 166 -4.94 -2.69 22.55
C VAL A 166 -4.11 -1.49 22.13
N ALA A 167 -3.77 -0.57 23.03
CA ALA A 167 -2.95 0.61 22.69
C ALA A 167 -1.56 0.15 22.29
N ALA A 168 -0.95 -0.68 23.13
CA ALA A 168 0.40 -1.18 22.87
C ALA A 168 0.44 -1.88 21.51
N GLU A 169 -0.51 -2.77 21.24
CA GLU A 169 -0.49 -3.55 19.95
C GLU A 169 -0.76 -2.65 18.75
N TRP A 170 -1.59 -1.63 18.93
CA TRP A 170 -1.89 -0.63 17.88
C TRP A 170 -0.57 0.05 17.51
N ILE A 171 0.12 0.62 18.49
CA ILE A 171 1.40 1.33 18.30
C ILE A 171 2.43 0.38 17.71
N GLU A 172 2.59 -0.81 18.28
CA GLU A 172 3.62 -1.74 17.79
C GLU A 172 3.35 -2.07 16.30
N SER A 173 2.13 -2.48 15.97
CA SER A 173 1.84 -3.15 14.67
C SER A 173 1.72 -2.11 13.57
N ARG A 174 1.29 -0.87 13.84
CA ARG A 174 1.15 0.16 12.79
C ARG A 174 2.48 0.96 12.75
N TYR A 175 2.59 1.93 13.66
CA TYR A 175 3.74 2.86 13.81
C TYR A 175 5.10 2.16 13.91
N ARG A 176 5.32 1.33 14.92
CA ARG A 176 6.69 0.85 15.20
C ARG A 176 7.26 0.00 14.06
N ARG A 177 6.50 -0.93 13.51
CA ARG A 177 7.02 -1.74 12.38
C ARG A 177 7.40 -0.81 11.22
N ALA A 178 6.55 0.16 10.90
CA ALA A 178 6.72 1.05 9.75
C ALA A 178 7.94 1.94 10.03
N HIS A 179 8.11 2.37 11.29
CA HIS A 179 9.24 3.26 11.69
C HIS A 179 10.55 2.48 11.56
N GLN A 180 10.55 1.21 11.96
CA GLN A 180 11.75 0.35 11.87
C GLN A 180 12.05 0.06 10.40
N ASN A 181 11.03 -0.18 9.56
CA ASN A 181 11.27 -0.37 8.10
C ASN A 181 11.88 0.90 7.53
N TRP A 182 11.32 2.06 7.88
CA TRP A 182 11.74 3.39 7.37
C TRP A 182 13.19 3.66 7.74
N GLU A 183 13.59 3.37 8.98
CA GLU A 183 14.97 3.67 9.44
C GLU A 183 15.94 2.99 8.50
N ARG A 184 15.70 1.71 8.17
CA ARG A 184 16.62 0.94 7.30
C ARG A 184 16.50 1.47 5.86
N ASN A 185 15.30 1.75 5.39
CA ASN A 185 15.12 2.40 4.08
C ASN A 185 15.92 3.71 4.08
N TYR A 186 15.78 4.56 5.09
CA TYR A 186 16.45 5.88 5.18
C TYR A 186 17.99 5.70 5.15
N GLU A 187 18.53 4.83 5.99
CA GLU A 187 19.98 4.55 6.09
C GLU A 187 20.50 4.12 4.73
N GLU A 188 19.82 3.20 4.04
CA GLU A 188 20.34 2.71 2.74
C GLU A 188 20.16 3.75 1.62
N TRP A 189 19.16 4.62 1.72
CA TRP A 189 18.89 5.65 0.69
C TRP A 189 20.08 6.64 0.72
N LYS A 190 20.54 6.99 1.92
CA LYS A 190 21.68 7.90 2.21
C LYS A 190 22.97 7.35 1.60
N LYS A 191 23.20 6.04 1.71
CA LYS A 191 24.41 5.37 1.17
C LYS A 191 24.30 5.30 -0.34
N GLU A 192 23.10 5.11 -0.86
CA GLU A 192 22.88 4.99 -2.32
C GLU A 192 22.97 6.39 -2.96
N LYS A 193 22.47 7.41 -2.27
CA LYS A 193 22.54 8.84 -2.68
C LYS A 193 24.02 9.26 -2.82
N GLN A 194 24.80 9.02 -1.77
CA GLN A 194 26.23 9.41 -1.64
C GLN A 194 27.00 8.75 -2.79
N GLU A 195 26.75 7.46 -3.05
CA GLU A 195 27.36 6.68 -4.17
C GLU A 195 26.90 7.25 -5.51
N TRP A 196 25.64 7.58 -5.67
CA TRP A 196 25.17 8.14 -6.96
C TRP A 196 25.84 9.50 -7.19
N GLU A 197 25.97 10.32 -6.16
CA GLU A 197 26.60 11.67 -6.26
C GLU A 197 28.09 11.51 -6.55
N GLN A 198 28.79 10.55 -5.91
CA GLN A 198 30.24 10.30 -6.17
C GLN A 198 30.43 9.86 -7.63
N ASN A 199 29.49 9.08 -8.18
CA ASN A 199 29.54 8.58 -9.58
C ASN A 199 29.04 9.62 -10.59
N HIS A 200 28.37 10.68 -10.16
CA HIS A 200 27.93 11.75 -11.10
C HIS A 200 28.40 13.10 -10.56
N PRO A 201 29.73 13.33 -10.46
CA PRO A 201 30.25 14.51 -9.76
C PRO A 201 30.00 15.83 -10.50
N GLU A 202 29.65 15.80 -11.79
CA GLU A 202 29.25 16.97 -12.62
C GLU A 202 27.97 17.59 -12.07
N LEU A 203 27.11 16.82 -11.39
CA LEU A 203 25.94 17.39 -10.69
C LEU A 203 26.43 17.84 -9.31
N THR A 204 27.12 18.95 -9.26
CA THR A 204 27.64 19.48 -8.04
C THR A 204 26.58 20.06 -7.18
N PRO A 205 26.89 20.32 -5.92
CA PRO A 205 25.97 20.92 -4.98
C PRO A 205 25.48 22.27 -5.42
N GLU A 206 26.35 23.06 -6.01
CA GLU A 206 26.02 24.37 -6.50
C GLU A 206 24.96 24.32 -7.57
N ILE A 207 25.04 23.36 -8.45
CA ILE A 207 24.10 23.22 -9.54
C ILE A 207 22.78 22.68 -9.05
N ARG A 208 22.82 21.73 -8.14
CA ARG A 208 21.64 21.17 -7.53
C ARG A 208 20.87 22.24 -6.81
N GLU A 209 21.56 23.07 -6.06
CA GLU A 209 20.98 24.18 -5.35
C GLU A 209 20.29 25.13 -6.29
N ALA A 210 20.91 25.43 -7.41
CA ALA A 210 20.33 26.30 -8.39
C ALA A 210 19.02 25.78 -8.89
N PHE A 211 18.94 24.51 -9.20
CA PHE A 211 17.70 23.94 -9.66
C PHE A 211 16.71 23.81 -8.55
N ASN A 212 17.17 23.51 -7.36
CA ASN A 212 16.27 23.40 -6.25
C ASN A 212 15.54 24.71 -6.02
N GLN A 213 16.28 25.81 -6.03
CA GLN A 213 15.72 27.18 -5.84
C GLN A 213 14.75 27.50 -6.97
N ILE A 214 15.10 27.21 -8.21
CA ILE A 214 14.14 27.41 -9.34
C ILE A 214 12.81 26.68 -9.02
N PHE A 215 12.84 25.41 -8.60
CA PHE A 215 11.61 24.59 -8.47
C PHE A 215 10.79 25.03 -7.23
N GLN A 216 11.43 25.56 -6.19
CA GLN A 216 10.76 26.22 -5.03
C GLN A 216 10.06 27.52 -5.45
N GLN A 217 10.75 28.39 -6.22
CA GLN A 217 10.23 29.66 -6.79
C GLN A 217 8.99 29.39 -7.67
N LEU A 218 9.11 28.50 -8.66
CA LEU A 218 7.93 27.89 -9.30
C LEU A 218 7.26 27.22 -8.12
N GLU A 219 6.21 26.45 -8.22
CA GLU A 219 5.88 25.83 -6.90
C GLU A 219 5.75 24.33 -7.13
N VAL A 220 6.88 23.73 -7.51
CA VAL A 220 7.00 22.30 -7.85
C VAL A 220 7.51 21.56 -6.61
N LYS A 221 6.59 20.88 -5.95
CA LYS A 221 6.86 20.06 -4.74
C LYS A 221 7.01 18.59 -5.16
N GLU A 222 6.71 18.24 -6.41
CA GLU A 222 6.82 16.86 -6.93
C GLU A 222 8.30 16.51 -7.20
N LYS A 223 8.66 15.26 -6.94
CA LYS A 223 9.97 14.67 -7.27
C LYS A 223 10.09 14.67 -8.80
N ARG A 224 9.02 14.26 -9.46
CA ARG A 224 8.89 14.04 -10.92
C ARG A 224 8.26 15.29 -11.53
N VAL A 225 9.04 16.09 -12.25
CA VAL A 225 8.59 17.41 -12.74
C VAL A 225 7.78 17.21 -14.05
N ARG A 226 6.55 17.75 -14.10
CA ARG A 226 5.64 17.67 -15.28
C ARG A 226 5.93 18.89 -16.18
N ILE A 227 7.14 18.97 -16.70
CA ILE A 227 7.65 20.14 -17.49
C ILE A 227 8.46 19.58 -18.64
N CYS A 228 8.35 20.25 -19.78
CA CYS A 228 9.10 19.91 -21.01
C CYS A 228 10.60 19.97 -20.70
N PRO A 229 11.42 19.03 -21.24
CA PRO A 229 12.88 19.15 -21.16
C PRO A 229 13.40 20.55 -21.49
N ALA A 230 14.48 20.96 -20.82
CA ALA A 230 15.06 22.33 -20.97
C ALA A 230 15.34 22.58 -22.45
N ALA A 231 15.85 21.57 -23.16
CA ALA A 231 16.38 21.70 -24.54
C ALA A 231 15.22 21.69 -25.56
N ARG A 232 14.20 20.83 -25.39
CA ARG A 232 12.91 20.90 -26.14
C ARG A 232 12.33 22.32 -26.01
N LEU A 233 12.25 22.82 -24.78
CA LEU A 233 11.76 24.18 -24.44
C LEU A 233 12.59 25.25 -25.18
N LEU A 234 13.86 25.01 -25.46
CA LEU A 234 14.75 26.04 -26.06
C LEU A 234 14.44 26.17 -27.57
N GLN A 235 14.09 25.07 -28.24
CA GLN A 235 13.55 25.07 -29.64
C GLN A 235 12.55 26.23 -29.79
N ASN A 236 11.83 26.59 -28.72
CA ASN A 236 11.05 27.85 -28.62
C ASN A 236 9.75 27.76 -29.45
N LYS A 237 9.37 26.54 -29.88
CA LYS A 237 8.17 26.20 -30.69
C LYS A 237 6.98 25.81 -29.80
N ASP A 238 5.78 25.76 -30.37
CA ASP A 238 4.55 25.24 -29.71
C ASP A 238 4.60 23.71 -29.66
N ASN A 239 5.26 23.11 -28.67
CA ASN A 239 5.48 21.64 -28.70
C ASN A 239 5.43 20.96 -27.31
N CYS A 240 4.84 21.51 -26.26
CA CYS A 240 4.82 20.83 -24.96
C CYS A 240 4.22 19.43 -25.05
N GLN A 241 4.56 18.55 -24.11
CA GLN A 241 4.03 17.17 -24.11
C GLN A 241 2.98 17.06 -23.00
N TYR A 242 2.62 18.19 -22.39
CA TYR A 242 1.74 18.28 -21.19
C TYR A 242 0.42 18.98 -21.54
N ALA A 243 0.38 19.81 -22.59
CA ALA A 243 -0.72 20.76 -22.91
C ALA A 243 -1.95 20.09 -23.55
N GLY A 244 -1.77 18.99 -24.27
CA GLY A 244 -2.87 18.57 -25.17
C GLY A 244 -3.66 17.40 -24.62
N LYS A 245 -3.94 16.45 -25.51
CA LYS A 245 -4.19 15.01 -25.26
C LYS A 245 -3.16 14.26 -26.11
N ASN A 246 -2.43 13.31 -25.52
CA ASN A 246 -1.44 12.45 -26.21
C ASN A 246 -0.31 13.29 -26.84
N LYS A 247 0.07 14.41 -26.20
CA LYS A 247 1.22 15.27 -26.61
C LYS A 247 0.97 15.92 -27.97
N HIS A 248 -0.29 16.15 -28.34
CA HIS A 248 -0.71 16.95 -29.54
C HIS A 248 -1.86 17.88 -29.13
N SER A 249 -2.15 18.89 -29.94
CA SER A 249 -3.37 19.74 -29.80
C SER A 249 -4.64 18.89 -29.95
N VAL A 250 -5.76 19.43 -29.47
CA VAL A 250 -7.13 18.87 -29.64
C VAL A 250 -7.42 18.69 -31.15
N LEU A 251 -7.14 19.70 -31.96
CA LEU A 251 -7.38 19.65 -33.43
C LEU A 251 -6.66 18.44 -34.03
N CYS A 252 -5.44 18.14 -33.58
CA CYS A 252 -4.64 17.01 -34.14
C CYS A 252 -5.33 15.68 -33.83
N ASN A 253 -6.00 15.59 -32.67
CA ASN A 253 -6.74 14.37 -32.23
C ASN A 253 -7.99 14.24 -33.08
N GLN A 254 -8.75 15.34 -33.17
CA GLN A 254 -9.95 15.52 -34.01
C GLN A 254 -9.67 15.07 -35.45
N PHE A 255 -8.63 15.62 -36.09
CA PHE A 255 -8.28 15.28 -37.49
C PHE A 255 -8.07 13.77 -37.61
N ASN A 256 -7.51 13.12 -36.59
CA ASN A 256 -7.20 11.66 -36.62
C ASN A 256 -8.53 10.88 -36.66
N GLU A 257 -9.57 11.36 -35.95
CA GLU A 257 -10.92 10.74 -35.98
C GLU A 257 -11.60 10.99 -37.33
N PHE A 258 -11.48 12.22 -37.85
CA PHE A 258 -11.92 12.57 -39.23
C PHE A 258 -11.32 11.56 -40.21
N LYS A 259 -10.02 11.31 -40.13
CA LYS A 259 -9.27 10.44 -41.08
C LYS A 259 -9.71 8.96 -40.98
N LYS A 260 -10.20 8.53 -39.80
CA LYS A 260 -10.65 7.12 -39.58
C LYS A 260 -12.12 6.99 -40.00
N ASN A 261 -12.95 7.99 -39.67
CA ASN A 261 -14.43 8.01 -39.87
C ASN A 261 -14.82 8.36 -41.31
N HIS A 262 -14.27 9.43 -41.91
CA HIS A 262 -14.82 10.06 -43.14
C HIS A 262 -13.91 9.89 -44.38
N LEU A 263 -12.60 9.65 -44.22
CA LEU A 263 -11.63 9.45 -45.35
C LEU A 263 -11.43 7.94 -45.62
N GLN A 264 -11.21 7.59 -46.89
CA GLN A 264 -11.05 6.20 -47.38
C GLN A 264 -9.89 6.13 -48.39
N GLY A 265 -9.32 4.93 -48.59
CA GLY A 265 -8.35 4.61 -49.65
C GLY A 265 -7.13 5.52 -49.61
N LYS A 266 -6.72 6.06 -50.76
CA LYS A 266 -5.55 6.96 -50.90
C LYS A 266 -5.77 8.23 -50.09
N ALA A 267 -7.02 8.70 -49.96
CA ALA A 267 -7.37 9.95 -49.25
C ALA A 267 -6.84 9.93 -47.79
N ILE A 268 -6.83 8.77 -47.11
CA ILE A 268 -6.37 8.72 -45.68
C ILE A 268 -4.92 9.23 -45.62
N LYS A 269 -4.08 8.86 -46.60
CA LYS A 269 -2.67 9.27 -46.69
C LYS A 269 -2.56 10.74 -47.16
N PHE A 270 -3.16 11.06 -48.31
CA PHE A 270 -2.79 12.25 -49.13
C PHE A 270 -3.76 13.43 -48.99
N PHE A 271 -4.85 13.32 -48.22
CA PHE A 271 -5.84 14.43 -48.08
C PHE A 271 -5.16 15.67 -47.49
N TYR A 272 -4.39 15.49 -46.42
CA TYR A 272 -3.70 16.60 -45.71
C TYR A 272 -2.88 17.42 -46.70
N LYS A 273 -2.05 16.71 -47.47
CA LYS A 273 -1.09 17.22 -48.48
C LYS A 273 -1.85 18.00 -49.57
N ASP A 274 -2.88 17.36 -50.15
CA ASP A 274 -3.76 17.96 -51.19
C ASP A 274 -4.51 19.17 -50.61
N ALA A 275 -4.86 19.19 -49.32
CA ALA A 275 -5.56 20.35 -48.73
C ALA A 275 -4.60 21.53 -48.67
N GLU A 276 -3.32 21.26 -48.42
CA GLU A 276 -2.33 22.35 -48.25
C GLU A 276 -1.95 22.83 -49.65
N LYS A 277 -1.76 21.91 -50.59
CA LYS A 277 -1.58 22.24 -52.03
C LYS A 277 -2.77 23.11 -52.47
N TYR A 278 -4.00 22.73 -52.09
CA TYR A 278 -5.23 23.44 -52.50
C TYR A 278 -5.23 24.84 -51.94
N LEU A 279 -4.94 24.97 -50.64
CA LEU A 279 -5.02 26.23 -49.90
C LEU A 279 -4.02 27.24 -50.48
N ARG A 280 -2.86 26.78 -50.94
CA ARG A 280 -1.75 27.69 -51.33
C ARG A 280 -1.89 28.04 -52.83
N CYS A 281 -2.16 27.06 -53.70
CA CYS A 281 -2.06 27.14 -55.18
C CYS A 281 -3.41 26.94 -55.91
N GLY A 282 -4.51 26.57 -55.24
CA GLY A 282 -5.87 26.40 -55.81
C GLY A 282 -6.20 24.99 -56.29
N LEU A 283 -7.47 24.69 -56.56
CA LEU A 283 -7.96 23.35 -57.01
C LEU A 283 -7.15 22.87 -58.22
N GLN A 284 -6.88 23.75 -59.20
CA GLN A 284 -6.13 23.36 -60.44
C GLN A 284 -4.69 22.91 -60.15
N SER A 285 -4.10 23.28 -59.01
CA SER A 285 -2.80 22.72 -58.57
C SER A 285 -2.95 21.22 -58.20
N LEU A 286 -4.15 20.72 -57.88
CA LEU A 286 -4.34 19.25 -57.63
C LEU A 286 -4.38 18.50 -58.98
N LYS A 287 -3.92 17.26 -58.99
CA LYS A 287 -4.05 16.34 -60.15
C LYS A 287 -5.51 16.32 -60.59
N PRO A 288 -5.83 16.36 -61.92
CA PRO A 288 -7.22 16.28 -62.38
C PRO A 288 -8.06 15.16 -61.74
N ASN A 289 -7.48 13.98 -61.57
CA ASN A 289 -8.18 12.76 -61.07
C ASN A 289 -8.40 12.77 -59.55
N VAL A 290 -8.05 13.83 -58.80
CA VAL A 290 -8.42 13.90 -57.35
C VAL A 290 -9.17 15.19 -57.07
N GLN A 291 -9.31 16.07 -58.05
CA GLN A 291 -10.05 17.33 -57.79
C GLN A 291 -11.47 17.02 -57.32
N GLY A 292 -12.11 16.02 -57.94
CA GLY A 292 -13.50 15.65 -57.61
C GLY A 292 -13.66 15.15 -56.18
N PRO A 293 -13.00 14.03 -55.84
CA PRO A 293 -13.03 13.53 -54.46
C PRO A 293 -12.61 14.62 -53.46
N PHE A 294 -11.57 15.41 -53.79
CA PHE A 294 -11.03 16.42 -52.86
C PHE A 294 -12.13 17.40 -52.52
N ARG A 295 -12.79 18.03 -53.51
CA ARG A 295 -13.95 18.94 -53.28
C ARG A 295 -14.85 18.40 -52.16
N GLU A 296 -15.22 17.12 -52.19
CA GLU A 296 -16.18 16.48 -51.24
C GLU A 296 -15.49 16.29 -49.88
N ASP A 297 -14.32 15.65 -49.86
CA ASP A 297 -13.49 15.45 -48.64
C ASP A 297 -13.33 16.80 -47.92
N TRP A 298 -13.08 17.86 -48.68
CA TRP A 298 -12.83 19.23 -48.19
C TRP A 298 -14.07 19.85 -47.49
N ASN A 299 -15.23 19.96 -48.12
CA ASN A 299 -16.37 20.66 -47.46
C ASN A 299 -16.77 19.87 -46.19
N LYS A 300 -16.63 18.53 -46.22
CA LYS A 300 -16.80 17.59 -45.08
C LYS A 300 -15.80 17.94 -43.97
N TYR A 301 -14.51 18.03 -44.31
CA TYR A 301 -13.42 18.45 -43.40
C TYR A 301 -13.79 19.75 -42.69
N LEU A 302 -14.14 20.81 -43.43
CA LEU A 302 -14.52 22.13 -42.85
C LEU A 302 -15.72 22.01 -41.88
N ARG A 303 -16.57 20.97 -42.01
CA ARG A 303 -17.81 20.82 -41.20
C ARG A 303 -17.52 19.99 -39.93
N TYR A 304 -16.75 18.91 -40.06
CA TYR A 304 -16.41 17.98 -38.96
C TYR A 304 -15.47 18.64 -37.95
N MSE A 305 -14.51 19.43 -38.44
CA MSE A 305 -13.88 20.45 -37.60
C MSE A 305 -14.75 21.69 -37.71
O MSE A 305 -15.60 21.77 -38.59
CB MSE A 305 -12.45 20.80 -38.04
CG MSE A 305 -11.70 19.73 -38.79
SE MSE A 305 -10.84 18.52 -37.52
CE MSE A 305 -10.55 16.86 -38.41
N ASN A 306 -14.52 22.70 -36.87
CA ASN A 306 -15.32 23.90 -36.95
C ASN A 306 -14.46 25.03 -37.53
N LEU A 307 -13.96 24.81 -38.75
CA LEU A 307 -12.95 25.68 -39.43
C LEU A 307 -13.59 26.36 -40.64
N LYS A 308 -13.19 27.61 -40.91
CA LYS A 308 -13.57 28.38 -42.12
C LYS A 308 -12.39 28.38 -43.08
N GLU A 309 -12.65 28.25 -44.39
CA GLU A 309 -11.62 28.28 -45.47
C GLU A 309 -10.91 29.64 -45.47
N GLU A 310 -11.64 30.72 -45.15
CA GLU A 310 -11.13 32.11 -45.09
C GLU A 310 -9.89 32.15 -44.17
N THR A 311 -10.09 31.88 -42.88
CA THR A 311 -9.06 32.03 -41.80
C THR A 311 -7.92 31.02 -41.98
N LEU A 312 -8.18 29.87 -42.65
CA LEU A 312 -7.16 28.80 -42.92
C LEU A 312 -6.14 29.30 -43.95
N ARG A 313 -6.59 30.11 -44.91
CA ARG A 313 -5.75 30.71 -45.98
C ARG A 313 -4.74 31.66 -45.32
N GLY A 314 -5.09 32.18 -44.13
CA GLY A 314 -4.31 33.11 -43.28
C GLY A 314 -2.90 32.63 -42.96
N LYS A 315 -2.74 31.43 -42.37
CA LYS A 315 -1.44 30.96 -41.81
C LYS A 315 -0.48 30.51 -42.93
N ASN A 316 0.75 31.07 -42.90
CA ASN A 316 2.00 30.68 -43.63
C ASN A 316 1.74 30.28 -45.09
N GLY A 317 0.81 30.97 -45.77
CA GLY A 317 0.46 30.72 -47.18
C GLY A 317 -0.12 29.33 -47.39
N GLY A 318 -1.20 29.02 -46.66
CA GLY A 318 -2.04 27.81 -46.85
C GLY A 318 -1.54 26.60 -46.06
N ARG A 319 -1.86 26.55 -44.77
CA ARG A 319 -1.42 25.49 -43.81
C ARG A 319 -2.59 25.09 -42.89
N LEU A 320 -2.73 23.77 -42.66
CA LEU A 320 -3.72 23.22 -41.71
C LEU A 320 -3.18 23.40 -40.28
N PRO A 321 -3.99 23.87 -39.32
CA PRO A 321 -3.53 24.18 -37.97
C PRO A 321 -3.47 22.95 -37.04
N HIS A 322 -2.96 21.82 -37.54
CA HIS A 322 -2.92 20.56 -36.79
C HIS A 322 -1.95 19.64 -37.50
N CYS A 323 -1.41 18.67 -36.76
CA CYS A 323 -0.48 17.64 -37.24
C CYS A 323 -1.26 16.79 -38.28
N LYS A 324 -0.55 16.04 -39.12
CA LYS A 324 -1.17 15.16 -40.14
C LYS A 324 -1.23 13.72 -39.61
N ASN A 325 -0.29 13.36 -38.72
CA ASN A 325 -0.20 12.09 -37.96
C ASN A 325 -0.29 12.38 -36.46
N LEU A 326 -0.54 11.35 -35.64
CA LEU A 326 -0.28 11.41 -34.19
C LEU A 326 1.14 10.89 -33.91
N GLY A 327 1.73 10.11 -34.84
CA GLY A 327 3.11 9.60 -34.73
C GLY A 327 4.18 10.63 -35.10
N GLN A 328 3.98 11.91 -34.76
CA GLN A 328 4.99 12.99 -34.94
C GLN A 328 4.87 13.97 -33.77
N GLU A 329 5.97 14.58 -33.33
CA GLU A 329 5.97 15.67 -32.31
C GLU A 329 5.08 16.79 -32.88
N CYS A 330 4.13 17.30 -32.09
CA CYS A 330 3.23 18.35 -32.56
C CYS A 330 3.83 19.76 -32.50
N GLU A 331 3.48 20.58 -33.49
CA GLU A 331 3.95 21.98 -33.57
C GLU A 331 2.74 22.90 -33.39
N PHE A 332 1.59 22.36 -32.94
CA PHE A 332 0.34 23.16 -32.76
C PHE A 332 -0.09 23.11 -31.31
N ASN A 333 0.81 22.64 -30.44
CA ASN A 333 0.53 22.26 -29.04
C ASN A 333 1.33 23.15 -28.11
N PRO A 334 0.86 24.39 -27.83
CA PRO A 334 1.69 25.36 -27.12
C PRO A 334 1.97 24.88 -25.68
N HIS A 335 3.00 25.46 -25.05
CA HIS A 335 3.50 25.06 -23.71
C HIS A 335 2.54 25.57 -22.63
N THR A 336 2.33 24.77 -21.59
CA THR A 336 1.62 25.15 -20.34
C THR A 336 2.31 26.37 -19.72
N ALA A 337 1.60 27.10 -18.88
CA ALA A 337 2.13 28.28 -18.16
C ALA A 337 3.35 27.85 -17.34
N LEU A 338 3.36 26.59 -16.83
CA LEU A 338 4.46 26.02 -15.98
C LEU A 338 5.68 25.79 -16.89
N CYS A 339 5.51 25.16 -18.08
CA CYS A 339 6.54 25.01 -19.14
C CYS A 339 7.18 26.38 -19.41
N LYS A 340 6.39 27.46 -19.38
CA LYS A 340 6.85 28.80 -19.87
C LYS A 340 7.61 29.49 -18.76
N GLN A 341 7.17 29.38 -17.51
CA GLN A 341 7.93 29.90 -16.34
C GLN A 341 9.30 29.21 -16.24
N TYR A 342 9.37 27.90 -16.39
CA TYR A 342 10.68 27.19 -16.36
C TYR A 342 11.58 27.84 -17.42
N GLN A 343 11.03 27.99 -18.64
CA GLN A 343 11.72 28.53 -19.84
C GLN A 343 12.29 29.91 -19.51
N GLN A 344 11.51 30.74 -18.82
CA GLN A 344 11.92 32.09 -18.35
C GLN A 344 13.13 31.95 -17.40
N GLN A 345 13.05 31.06 -16.41
CA GLN A 345 14.14 30.77 -15.44
C GLN A 345 15.43 30.34 -16.16
N LEU A 346 15.36 29.41 -17.12
CA LEU A 346 16.51 28.92 -17.90
C LEU A 346 17.13 29.98 -18.81
N SER A 347 16.32 30.92 -19.35
CA SER A 347 16.79 31.95 -20.32
C SER A 347 17.82 32.86 -19.65
N SER A 348 17.61 33.24 -18.39
CA SER A 348 18.61 33.98 -17.56
C SER A 348 19.66 33.02 -16.96
N ARG A 349 19.55 31.70 -17.12
CA ARG A 349 20.59 30.72 -16.64
C ARG A 349 20.96 29.74 -17.75
N PRO A 350 21.55 30.18 -18.88
CA PRO A 350 21.91 29.23 -19.94
C PRO A 350 22.96 28.22 -19.45
N ASP A 351 23.71 28.56 -18.40
CA ASP A 351 24.74 27.64 -17.81
C ASP A 351 24.08 26.37 -17.29
N LEU A 352 22.80 26.41 -16.87
CA LEU A 352 22.11 25.26 -16.18
C LEU A 352 21.56 24.28 -17.22
N VAL A 353 21.27 24.74 -18.44
CA VAL A 353 20.56 23.94 -19.48
C VAL A 353 21.19 22.57 -19.62
N GLN A 354 22.50 22.53 -19.83
CA GLN A 354 23.37 21.32 -19.93
C GLN A 354 23.02 20.27 -18.86
N HIS A 355 22.64 20.66 -17.65
CA HIS A 355 22.51 19.73 -16.49
C HIS A 355 21.06 19.43 -16.16
N ASP A 356 20.08 19.95 -16.90
CA ASP A 356 18.62 19.74 -16.72
C ASP A 356 18.29 18.26 -16.49
N GLU A 357 18.56 17.41 -17.48
CA GLU A 357 18.21 15.96 -17.49
C GLU A 357 18.84 15.24 -16.27
N LEU A 358 20.11 15.47 -16.00
CA LEU A 358 20.85 14.82 -14.89
C LEU A 358 20.22 15.25 -13.57
N TYR A 359 19.85 16.53 -13.44
CA TYR A 359 19.27 17.08 -12.19
C TYR A 359 17.90 16.42 -12.00
N ARG A 360 17.12 16.20 -13.05
CA ARG A 360 15.78 15.59 -12.86
C ARG A 360 15.92 14.13 -12.44
N LYS A 361 16.86 13.40 -13.02
CA LYS A 361 17.18 12.03 -12.57
C LYS A 361 17.52 12.09 -11.07
N TRP A 362 18.42 12.97 -10.65
CA TRP A 362 18.75 13.08 -9.21
C TRP A 362 17.49 13.40 -8.40
N ARG A 363 16.62 14.26 -8.91
CA ARG A 363 15.49 14.83 -8.11
C ARG A 363 14.47 13.71 -7.88
N ARG A 364 14.22 12.87 -8.85
CA ARG A 364 13.28 11.72 -8.74
C ARG A 364 13.70 10.78 -7.62
N GLU A 365 14.99 10.65 -7.30
CA GLU A 365 15.46 9.61 -6.33
C GLU A 365 15.94 10.23 -5.03
N TYR A 366 16.61 11.38 -5.06
CA TYR A 366 17.58 11.77 -3.99
C TYR A 366 17.34 13.17 -3.51
N TRP A 367 16.29 13.84 -3.98
CA TRP A 367 15.94 15.20 -3.50
C TRP A 367 15.25 15.07 -2.13
N ARG A 368 14.36 14.11 -1.99
CA ARG A 368 13.53 13.94 -0.77
C ARG A 368 13.79 12.53 -0.22
N GLU A 369 14.16 12.46 1.04
CA GLU A 369 14.27 11.17 1.78
C GLU A 369 12.92 10.47 1.79
N PRO A 370 12.90 9.13 1.83
CA PRO A 370 11.67 8.39 2.16
C PRO A 370 10.97 9.00 3.38
N ARG A 371 9.67 9.19 3.28
CA ARG A 371 8.83 9.88 4.30
C ARG A 371 8.86 9.06 5.59
N LYS A 372 9.33 9.68 6.67
CA LYS A 372 9.31 9.13 8.04
C LYS A 372 7.84 8.90 8.45
N PRO A 373 7.41 7.70 8.86
CA PRO A 373 6.02 7.52 9.27
C PRO A 373 5.69 8.40 10.48
N VAL A 374 4.46 8.88 10.45
CA VAL A 374 3.84 9.68 11.54
C VAL A 374 2.77 8.80 12.17
N PHE A 375 2.72 8.84 13.49
CA PHE A 375 1.75 8.08 14.31
C PHE A 375 0.35 8.51 13.90
N ARG A 376 -0.50 7.53 13.72
CA ARG A 376 -1.92 7.67 13.35
C ARG A 376 -2.76 7.01 14.46
N TYR A 377 -3.82 7.67 14.93
CA TYR A 377 -4.75 7.16 15.96
C TYR A 377 -5.70 6.16 15.31
N PRO A 378 -6.32 5.23 16.07
CA PRO A 378 -7.38 4.40 15.49
C PRO A 378 -8.55 5.28 15.05
N SER A 379 -9.12 4.96 13.89
CA SER A 379 -10.24 5.74 13.30
C SER A 379 -11.54 5.07 13.75
N VAL A 380 -12.44 5.87 14.30
CA VAL A 380 -13.81 5.40 14.65
C VAL A 380 -14.55 4.99 13.37
N LYS A 381 -14.50 5.80 12.32
CA LYS A 381 -15.29 5.53 11.10
C LYS A 381 -14.76 4.28 10.39
N ARG A 382 -13.44 4.04 10.38
CA ARG A 382 -12.87 2.82 9.74
C ARG A 382 -12.90 1.65 10.74
N HIS A 383 -13.43 1.82 11.95
CA HIS A 383 -13.51 0.75 12.97
C HIS A 383 -12.12 0.10 13.08
N SER A 384 -11.07 0.90 13.20
CA SER A 384 -9.67 0.42 13.29
C SER A 384 -9.57 -0.58 14.47
N ILE A 385 -10.27 -0.34 15.56
CA ILE A 385 -10.18 -1.25 16.75
C ILE A 385 -11.59 -1.58 17.20
N ALA A 386 -11.67 -2.57 18.05
CA ALA A 386 -12.92 -3.20 18.51
C ALA A 386 -12.89 -3.25 20.03
N LYS A 387 -14.01 -2.96 20.70
CA LYS A 387 -14.11 -3.13 22.17
C LYS A 387 -14.09 -4.63 22.49
N ILE A 388 -13.23 -5.05 23.42
CA ILE A 388 -13.05 -6.48 23.78
C ILE A 388 -13.89 -6.82 25.00
N PHE A 389 -14.70 -7.84 24.83
CA PHE A 389 -15.46 -8.53 25.88
C PHE A 389 -14.79 -9.90 26.12
N GLY A 390 -14.08 -10.04 27.23
CA GLY A 390 -13.36 -11.26 27.63
C GLY A 390 -14.20 -12.14 28.52
N GLU A 391 -13.55 -13.04 29.26
CA GLU A 391 -14.10 -14.26 29.94
C GLU A 391 -15.45 -13.99 30.65
N ASN A 392 -15.56 -13.09 31.62
CA ASN A 392 -16.87 -13.01 32.32
C ASN A 392 -17.70 -11.82 31.84
N TYR A 393 -17.53 -11.41 30.58
CA TYR A 393 -18.19 -10.19 30.04
C TYR A 393 -19.00 -10.57 28.79
N PHE A 394 -19.10 -11.86 28.49
CA PHE A 394 -20.03 -12.31 27.41
C PHE A 394 -20.45 -13.77 27.62
N GLN A 395 -21.49 -14.14 26.88
CA GLN A 395 -22.07 -15.49 26.75
C GLN A 395 -22.49 -15.63 25.31
N ALA A 396 -22.38 -16.81 24.74
CA ALA A 396 -22.75 -17.09 23.34
C ALA A 396 -23.53 -18.39 23.32
N ASP A 397 -24.68 -18.38 22.65
CA ASP A 397 -25.53 -19.56 22.39
C ASP A 397 -25.63 -19.68 20.88
N PHE A 398 -24.89 -20.61 20.28
CA PHE A 398 -24.81 -20.76 18.81
C PHE A 398 -25.97 -21.63 18.34
N LYS A 399 -26.74 -22.19 19.28
CA LYS A 399 -27.98 -22.96 18.96
C LYS A 399 -29.06 -21.95 18.54
N ASN A 400 -29.32 -20.96 19.38
CA ASN A 400 -30.36 -19.91 19.14
C ASN A 400 -29.72 -18.62 18.60
N SER A 401 -28.43 -18.64 18.24
CA SER A 401 -27.66 -17.45 17.77
C SER A 401 -27.96 -16.20 18.61
N VAL A 402 -27.81 -16.29 19.93
CA VAL A 402 -27.96 -15.18 20.91
C VAL A 402 -26.60 -14.94 21.58
N VAL A 403 -26.26 -13.69 21.86
CA VAL A 403 -25.01 -13.32 22.58
C VAL A 403 -25.40 -12.35 23.69
N GLY A 404 -24.75 -12.46 24.85
CA GLY A 404 -24.88 -11.48 25.93
C GLY A 404 -23.60 -10.71 26.04
N LEU A 405 -23.67 -9.38 26.16
CA LEU A 405 -22.49 -8.50 26.30
C LEU A 405 -22.67 -7.74 27.61
N ARG A 406 -21.76 -7.97 28.55
CA ARG A 406 -21.78 -7.25 29.84
C ARG A 406 -20.93 -6.01 29.68
N LEU A 407 -21.55 -4.85 29.79
CA LEU A 407 -20.85 -3.55 29.79
C LEU A 407 -20.01 -3.43 31.05
N ASP A 408 -19.09 -2.46 31.07
CA ASP A 408 -17.93 -2.42 32.00
C ASP A 408 -18.37 -2.43 33.48
N SER A 409 -19.43 -1.71 33.85
CA SER A 409 -19.83 -1.49 35.27
C SER A 409 -21.13 -2.25 35.59
N MSE A 410 -21.66 -2.95 34.59
CA MSE A 410 -22.87 -3.76 34.76
C MSE A 410 -22.48 -5.02 35.52
O MSE A 410 -21.39 -5.56 35.31
CB MSE A 410 -23.54 -3.95 33.39
CG MSE A 410 -24.14 -5.31 33.08
SE MSE A 410 -25.06 -5.25 31.30
CE MSE A 410 -25.22 -3.34 30.93
N PRO A 411 -23.30 -5.50 36.49
CA PRO A 411 -22.89 -6.56 37.40
C PRO A 411 -22.73 -7.93 36.73
N ALA A 412 -21.96 -8.82 37.36
CA ALA A 412 -21.71 -10.19 36.88
C ALA A 412 -23.07 -10.87 36.68
N GLY A 413 -23.22 -11.68 35.64
CA GLY A 413 -24.44 -12.44 35.33
C GLY A 413 -25.47 -11.60 34.59
N GLN A 414 -25.31 -10.26 34.59
CA GLN A 414 -26.19 -9.35 33.81
C GLN A 414 -25.52 -9.04 32.46
N TYR A 415 -26.30 -9.14 31.39
CA TYR A 415 -25.89 -9.01 29.97
C TYR A 415 -26.92 -8.14 29.26
N LEU A 416 -26.50 -7.29 28.32
CA LEU A 416 -27.36 -6.87 27.19
C LEU A 416 -27.36 -8.01 26.18
N GLU A 417 -28.53 -8.36 25.65
CA GLU A 417 -28.75 -9.59 24.84
C GLU A 417 -29.21 -9.19 23.45
N PHE A 418 -28.67 -9.87 22.45
CA PHE A 418 -28.85 -9.61 21.01
C PHE A 418 -28.83 -10.95 20.31
N ALA A 419 -29.51 -11.06 19.18
CA ALA A 419 -29.30 -12.15 18.22
C ALA A 419 -28.18 -11.70 17.29
N PHE A 420 -27.72 -12.60 16.46
CA PHE A 420 -26.70 -12.32 15.50
C PHE A 420 -26.86 -13.24 14.32
N ALA A 421 -26.32 -12.83 13.20
CA ALA A 421 -26.38 -13.62 12.01
C ALA A 421 -25.68 -14.91 12.27
N PRO A 422 -26.39 -16.01 12.15
CA PRO A 422 -25.87 -17.33 12.41
C PRO A 422 -24.60 -17.67 11.70
N TRP A 423 -23.78 -18.40 12.42
CA TRP A 423 -22.52 -18.90 11.93
C TRP A 423 -22.81 -19.76 10.73
N PRO A 424 -22.29 -19.39 9.58
CA PRO A 424 -22.51 -20.14 8.35
C PRO A 424 -22.15 -21.61 8.46
N ARG A 425 -22.93 -22.50 7.86
CA ARG A 425 -22.63 -23.92 7.96
C ARG A 425 -21.39 -24.30 7.18
N ASN A 426 -21.21 -23.65 6.06
CA ASN A 426 -20.02 -23.80 5.18
C ASN A 426 -18.70 -23.39 5.90
N TYR A 427 -18.75 -22.47 6.89
CA TYR A 427 -17.55 -21.86 7.55
C TYR A 427 -16.84 -22.93 8.41
N ARG A 428 -15.54 -23.15 8.21
CA ARG A 428 -14.97 -24.49 8.47
C ARG A 428 -14.89 -24.75 9.98
N PRO A 429 -14.19 -23.95 10.80
CA PRO A 429 -14.27 -24.16 12.25
C PRO A 429 -15.73 -23.78 12.60
N GLN A 430 -16.60 -24.77 12.86
CA GLN A 430 -17.96 -24.58 13.45
C GLN A 430 -17.77 -24.35 14.94
N PRO A 431 -18.65 -23.58 15.63
CA PRO A 431 -18.37 -23.17 17.01
C PRO A 431 -17.94 -24.36 17.89
N GLY A 432 -18.52 -25.54 17.62
CA GLY A 432 -18.36 -26.78 18.42
C GLY A 432 -16.97 -27.37 18.33
N GLU A 433 -16.19 -27.03 17.29
CA GLU A 433 -14.82 -27.56 17.06
C GLU A 433 -13.77 -26.49 17.39
N THR A 434 -14.15 -25.46 18.14
CA THR A 434 -13.21 -24.38 18.59
C THR A 434 -13.69 -23.83 19.93
N GLU A 435 -12.94 -22.91 20.53
CA GLU A 435 -13.38 -22.24 21.76
C GLU A 435 -13.34 -20.72 21.54
N ILE A 436 -14.40 -20.02 21.93
CA ILE A 436 -14.48 -18.54 21.80
C ILE A 436 -13.87 -17.95 23.09
N SER A 437 -12.75 -17.26 22.96
CA SER A 437 -12.00 -16.62 24.07
C SER A 437 -12.52 -15.21 24.31
N SER A 438 -13.11 -14.58 23.29
CA SER A 438 -13.52 -13.17 23.42
C SER A 438 -14.46 -12.80 22.27
N VAL A 439 -15.26 -11.77 22.48
CA VAL A 439 -16.09 -11.13 21.42
C VAL A 439 -15.71 -9.66 21.36
N HIS A 440 -15.59 -9.19 20.12
CA HIS A 440 -15.05 -7.88 19.71
C HIS A 440 -16.21 -7.09 19.10
N LEU A 441 -16.48 -5.91 19.64
CA LEU A 441 -17.56 -5.01 19.18
C LEU A 441 -16.99 -3.87 18.35
N HIS A 442 -17.46 -3.72 17.12
CA HIS A 442 -17.30 -2.44 16.36
C HIS A 442 -18.60 -1.99 15.69
N PHE A 443 -18.62 -0.77 15.16
CA PHE A 443 -19.72 -0.21 14.32
C PHE A 443 -19.20 -0.02 12.89
N VAL A 444 -20.03 -0.40 11.92
CA VAL A 444 -19.91 0.04 10.50
C VAL A 444 -21.05 1.03 10.21
N GLY A 445 -20.71 2.28 9.96
CA GLY A 445 -21.66 3.40 10.07
C GLY A 445 -22.37 3.34 11.41
N THR A 446 -23.69 3.18 11.36
CA THR A 446 -24.59 3.13 12.55
C THR A 446 -24.80 1.70 13.01
N ARG A 447 -24.38 0.69 12.23
CA ARG A 447 -24.74 -0.74 12.42
C ARG A 447 -23.73 -1.44 13.35
N PRO A 448 -24.20 -2.11 14.43
CA PRO A 448 -23.29 -2.85 15.31
C PRO A 448 -22.82 -4.17 14.68
N ARG A 449 -21.56 -4.53 14.89
CA ARG A 449 -21.01 -5.83 14.49
C ARG A 449 -20.33 -6.50 15.69
N ILE A 450 -20.36 -7.84 15.75
CA ILE A 450 -19.59 -8.60 16.78
C ILE A 450 -18.67 -9.58 16.08
N GLY A 451 -17.46 -9.70 16.64
CA GLY A 451 -16.42 -10.63 16.19
C GLY A 451 -16.18 -11.70 17.23
N PHE A 452 -16.35 -12.95 16.85
CA PHE A 452 -16.03 -14.14 17.67
C PHE A 452 -14.56 -14.48 17.40
N ARG A 453 -13.75 -14.34 18.44
CA ARG A 453 -12.29 -14.55 18.37
C ARG A 453 -12.00 -15.97 18.87
N PHE A 454 -11.19 -16.72 18.14
CA PHE A 454 -10.82 -18.11 18.50
C PHE A 454 -9.44 -18.40 17.91
N ARG A 455 -8.75 -19.40 18.45
CA ARG A 455 -7.36 -19.74 18.06
C ARG A 455 -7.45 -20.85 17.03
N VAL A 456 -6.73 -20.69 15.92
CA VAL A 456 -6.47 -21.76 14.90
C VAL A 456 -4.96 -21.84 14.68
N PRO A 457 -4.27 -22.92 15.05
CA PRO A 457 -2.83 -22.96 14.85
C PRO A 457 -2.52 -22.97 13.35
N HIS A 458 -1.39 -22.40 12.97
CA HIS A 458 -0.84 -22.51 11.60
C HIS A 458 -0.56 -23.98 11.34
N LYS A 459 -0.85 -24.47 10.15
CA LYS A 459 -0.23 -25.73 9.69
C LYS A 459 1.29 -25.50 9.73
N ARG A 460 2.06 -26.46 10.25
CA ARG A 460 3.54 -26.47 10.21
C ARG A 460 4.03 -26.56 8.76
N SER A 461 4.90 -25.63 8.37
CA SER A 461 5.67 -25.65 7.09
C SER A 461 6.78 -26.71 7.18
N ARG A 462 7.20 -27.22 6.02
CA ARG A 462 8.44 -28.01 5.90
C ARG A 462 9.67 -27.11 6.09
N PHE A 463 9.57 -25.81 5.82
CA PHE A 463 10.67 -24.86 6.06
C PHE A 463 10.77 -24.59 7.56
N ASP A 464 11.92 -24.86 8.16
CA ASP A 464 12.21 -24.47 9.56
C ASP A 464 12.65 -22.99 9.57
N CYS A 465 11.89 -22.14 8.88
CA CYS A 465 12.06 -20.65 8.90
C CYS A 465 10.69 -19.98 8.82
N THR A 466 10.59 -18.80 9.43
CA THR A 466 9.32 -18.05 9.57
C THR A 466 9.14 -17.18 8.33
N GLN A 467 7.89 -16.88 7.96
CA GLN A 467 7.60 -15.82 6.96
C GLN A 467 8.11 -14.46 7.48
N GLU A 468 8.13 -14.25 8.81
CA GLU A 468 8.57 -12.98 9.47
C GLU A 468 10.03 -12.69 9.11
N GLU A 469 10.88 -13.72 9.07
CA GLU A 469 12.30 -13.63 8.63
C GLU A 469 12.35 -13.27 7.16
N LEU A 470 11.50 -13.84 6.30
CA LEU A 470 11.56 -13.50 4.85
C LEU A 470 11.16 -12.03 4.70
N ASP A 471 10.14 -11.57 5.42
CA ASP A 471 9.68 -10.15 5.39
C ASP A 471 10.77 -9.22 5.92
N GLU A 472 11.57 -9.62 6.90
CA GLU A 472 12.56 -8.73 7.51
C GLU A 472 13.73 -8.54 6.52
N LEU A 473 14.06 -9.59 5.79
CA LEU A 473 15.04 -9.61 4.68
C LEU A 473 14.67 -8.54 3.64
N ARG A 474 13.40 -8.48 3.27
CA ARG A 474 12.88 -7.62 2.19
C ARG A 474 12.76 -6.17 2.68
N SER A 475 12.39 -5.96 3.94
CA SER A 475 11.95 -4.66 4.49
C SER A 475 13.03 -3.99 5.33
N ARG A 476 14.00 -4.75 5.86
CA ARG A 476 15.00 -4.22 6.82
C ARG A 476 16.41 -4.55 6.34
N THR A 477 16.71 -5.81 6.06
CA THR A 477 18.08 -6.22 5.71
C THR A 477 18.39 -5.58 4.35
N PHE A 478 17.52 -5.75 3.36
CA PHE A 478 17.76 -5.34 1.95
C PHE A 478 16.58 -4.55 1.40
N PRO A 479 16.33 -3.33 1.93
CA PRO A 479 15.10 -2.61 1.63
C PRO A 479 14.98 -1.91 0.27
N ARG A 480 16.09 -1.58 -0.39
CA ARG A 480 16.11 -0.75 -1.61
C ARG A 480 15.87 -1.62 -2.84
N LYS A 481 15.26 -1.06 -3.86
CA LYS A 481 15.12 -1.71 -5.18
C LYS A 481 16.52 -2.14 -5.68
N ALA A 482 17.55 -1.32 -5.46
CA ALA A 482 18.94 -1.61 -5.94
C ALA A 482 19.51 -2.85 -5.22
N GLN A 483 18.89 -3.28 -4.14
CA GLN A 483 19.33 -4.46 -3.36
C GLN A 483 18.43 -5.68 -3.65
N ASP A 484 17.64 -5.67 -4.72
CA ASP A 484 16.71 -6.77 -5.08
C ASP A 484 17.50 -8.08 -5.20
N GLN A 485 18.69 -8.04 -5.78
CA GLN A 485 19.46 -9.25 -6.13
C GLN A 485 19.95 -9.86 -4.82
N LYS A 486 20.37 -9.01 -3.90
CA LYS A 486 20.88 -9.42 -2.58
C LYS A 486 19.72 -9.97 -1.74
N PHE A 487 18.53 -9.38 -1.92
CA PHE A 487 17.32 -9.86 -1.21
C PHE A 487 17.03 -11.30 -1.66
N LEU A 488 16.90 -11.50 -2.96
CA LEU A 488 16.55 -12.79 -3.56
C LEU A 488 17.59 -13.85 -3.16
N GLU A 489 18.88 -13.49 -3.16
CA GLU A 489 19.97 -14.42 -2.82
C GLU A 489 19.87 -14.81 -1.34
N ALA A 490 19.61 -13.87 -0.44
CA ALA A 490 19.55 -14.18 1.02
C ALA A 490 18.27 -14.95 1.30
N ALA A 491 17.23 -14.76 0.50
CA ALA A 491 15.91 -15.38 0.81
C ALA A 491 15.99 -16.84 0.38
N ARG A 492 16.44 -17.06 -0.84
CA ARG A 492 16.71 -18.40 -1.43
C ARG A 492 17.62 -19.19 -0.50
N LYS A 493 18.69 -18.57 -0.01
CA LYS A 493 19.67 -19.27 0.88
C LYS A 493 18.96 -19.67 2.18
N ARG A 494 18.18 -18.76 2.77
CA ARG A 494 17.49 -19.07 4.06
C ARG A 494 16.51 -20.23 3.83
N LEU A 495 15.88 -20.28 2.66
CA LEU A 495 14.80 -21.24 2.34
C LEU A 495 15.43 -22.61 2.05
N LEU A 496 16.54 -22.65 1.29
CA LEU A 496 17.29 -23.90 0.96
C LEU A 496 17.93 -24.50 2.23
N GLU A 497 18.43 -23.69 3.14
CA GLU A 497 19.18 -24.17 4.32
C GLU A 497 18.16 -24.67 5.37
N THR A 498 16.89 -24.27 5.32
CA THR A 498 15.86 -24.67 6.32
C THR A 498 14.85 -25.66 5.71
N PHE A 499 15.03 -26.05 4.45
CA PHE A 499 14.24 -27.13 3.82
C PHE A 499 14.85 -28.48 4.23
N PRO A 500 14.08 -29.48 4.72
CA PRO A 500 14.69 -30.64 5.37
C PRO A 500 15.55 -31.51 4.44
N GLY A 501 15.11 -31.73 3.19
CA GLY A 501 15.82 -32.58 2.21
C GLY A 501 16.80 -31.82 1.34
N ASN A 502 16.91 -32.23 0.07
CA ASN A 502 17.66 -31.57 -1.03
C ASN A 502 16.70 -30.58 -1.71
N ALA A 503 16.78 -29.30 -1.35
CA ALA A 503 15.85 -28.26 -1.82
C ALA A 503 15.82 -28.28 -3.35
N GLU A 504 16.99 -28.34 -4.00
CA GLU A 504 17.16 -28.18 -5.48
C GLU A 504 16.48 -29.33 -6.24
N GLN A 505 16.13 -30.43 -5.56
CA GLN A 505 15.44 -31.58 -6.17
C GLN A 505 14.02 -31.74 -5.62
N GLU A 506 13.70 -31.27 -4.41
CA GLU A 506 12.43 -31.64 -3.72
C GLU A 506 11.54 -30.41 -3.36
N LEU A 507 12.10 -29.21 -3.18
CA LEU A 507 11.33 -27.99 -2.81
C LEU A 507 10.19 -27.76 -3.81
N ARG A 508 8.94 -27.87 -3.36
CA ARG A 508 7.71 -27.64 -4.19
C ARG A 508 7.28 -26.16 -4.15
N LEU A 509 7.21 -25.57 -5.35
CA LEU A 509 7.17 -24.12 -5.64
C LEU A 509 6.08 -23.84 -6.68
N LEU A 510 5.12 -22.96 -6.38
CA LEU A 510 4.16 -22.41 -7.38
C LEU A 510 4.60 -20.98 -7.70
N ALA A 511 4.86 -20.70 -8.97
CA ALA A 511 5.21 -19.37 -9.47
C ALA A 511 3.97 -18.82 -10.17
N VAL A 512 3.52 -17.62 -9.80
CA VAL A 512 2.37 -17.01 -10.50
C VAL A 512 2.75 -15.59 -10.90
N ALA A 513 2.63 -15.34 -12.21
CA ALA A 513 3.02 -14.08 -12.89
C ALA A 513 1.81 -13.14 -12.86
N LEU A 514 1.91 -12.05 -12.10
CA LEU A 514 0.85 -11.02 -11.89
C LEU A 514 1.16 -9.77 -12.74
N GLY A 515 0.11 -9.12 -13.25
CA GLY A 515 0.16 -7.75 -13.82
C GLY A 515 -0.13 -7.72 -15.31
N THR A 516 0.87 -7.35 -16.13
CA THR A 516 0.82 -7.33 -17.61
C THR A 516 1.45 -8.62 -18.17
N ASP A 517 1.79 -9.58 -17.28
CA ASP A 517 2.08 -11.01 -17.62
C ASP A 517 0.81 -11.81 -17.31
N SER A 518 0.23 -12.48 -18.32
CA SER A 518 -1.13 -13.08 -18.32
C SER A 518 -1.33 -14.02 -17.12
N ALA A 519 -2.54 -14.58 -16.99
CA ALA A 519 -3.00 -15.43 -15.87
C ALA A 519 -2.57 -16.90 -16.10
N ARG A 520 -1.31 -17.18 -15.81
CA ARG A 520 -0.66 -18.51 -15.94
C ARG A 520 0.14 -18.79 -14.66
N ALA A 521 0.18 -20.06 -14.23
CA ALA A 521 1.00 -20.52 -13.09
C ALA A 521 1.87 -21.72 -13.49
N ALA A 522 3.01 -21.83 -12.80
CA ALA A 522 4.06 -22.82 -13.05
C ALA A 522 4.39 -23.53 -11.74
N PHE A 523 4.25 -24.85 -11.75
CA PHE A 523 4.62 -25.75 -10.63
C PHE A 523 5.99 -26.38 -10.94
N PHE A 524 6.88 -26.26 -9.97
CA PHE A 524 8.26 -26.75 -9.99
C PHE A 524 8.46 -27.71 -8.83
N ILE A 525 9.24 -28.77 -9.07
CA ILE A 525 9.83 -29.62 -8.00
C ILE A 525 11.33 -29.41 -8.08
N GLY A 526 11.94 -28.94 -7.00
CA GLY A 526 13.31 -28.38 -7.07
C GLY A 526 13.43 -27.43 -8.24
N LYS A 527 14.55 -27.48 -8.99
CA LYS A 527 14.81 -26.58 -10.14
C LYS A 527 14.04 -27.03 -11.39
N THR A 528 13.24 -28.10 -11.30
CA THR A 528 12.58 -28.71 -12.47
C THR A 528 11.18 -28.15 -12.65
N PHE A 529 10.92 -27.47 -13.76
CA PHE A 529 9.55 -27.11 -14.19
C PHE A 529 8.78 -28.41 -14.41
N GLN A 530 7.65 -28.60 -13.71
CA GLN A 530 6.94 -29.90 -13.67
C GLN A 530 5.61 -29.80 -14.43
N GLN A 531 4.90 -28.68 -14.33
CA GLN A 531 3.55 -28.52 -14.94
C GLN A 531 3.15 -27.03 -14.91
N ALA A 532 2.49 -26.60 -15.98
CA ALA A 532 1.85 -25.28 -16.16
C ALA A 532 0.36 -25.46 -15.90
N PHE A 533 -0.26 -24.52 -15.18
CA PHE A 533 -1.66 -24.68 -14.71
C PHE A 533 -2.48 -23.45 -15.10
N PRO A 534 -3.72 -23.63 -15.61
CA PRO A 534 -4.58 -22.50 -15.93
C PRO A 534 -4.88 -21.79 -14.61
N LEU A 535 -5.04 -20.47 -14.65
CA LEU A 535 -5.42 -19.64 -13.48
C LEU A 535 -6.28 -18.47 -13.99
N LYS A 536 -7.58 -18.44 -13.66
CA LYS A 536 -8.55 -17.48 -14.26
C LYS A 536 -8.62 -16.21 -13.40
N ILE A 537 -7.69 -15.28 -13.64
CA ILE A 537 -7.64 -13.93 -12.99
C ILE A 537 -8.29 -12.93 -13.95
N VAL A 538 -9.03 -11.95 -13.44
CA VAL A 538 -9.47 -10.75 -14.21
C VAL A 538 -8.41 -9.66 -13.97
N LYS A 539 -8.18 -8.78 -14.96
CA LYS A 539 -7.12 -7.74 -14.90
C LYS A 539 -7.65 -6.54 -14.09
N ILE A 540 -6.79 -5.54 -13.84
CA ILE A 540 -7.10 -4.36 -12.97
C ILE A 540 -7.87 -3.33 -13.82
N GLU A 541 -7.76 -3.43 -15.15
CA GLU A 541 -8.45 -2.55 -16.15
C GLU A 541 -9.97 -2.71 -16.01
N LYS A 542 -10.47 -3.94 -15.84
CA LYS A 542 -11.91 -4.28 -15.69
C LYS A 542 -12.39 -3.73 -14.34
N LEU A 543 -13.56 -4.18 -13.85
CA LEU A 543 -14.17 -3.84 -12.52
C LEU A 543 -14.13 -2.32 -12.27
N TYR A 544 -14.34 -1.50 -13.31
CA TYR A 544 -14.16 -0.02 -13.29
C TYR A 544 -15.49 0.67 -13.63
N THR A 622 -8.56 8.98 1.70
CA THR A 622 -9.81 8.71 0.94
C THR A 622 -9.48 8.73 -0.56
N VAL A 623 -8.63 7.79 -1.01
CA VAL A 623 -8.19 7.68 -2.44
C VAL A 623 -9.34 7.02 -3.24
N HIS A 624 -10.27 6.36 -2.54
CA HIS A 624 -11.62 5.92 -3.01
C HIS A 624 -12.37 5.26 -1.84
N THR A 625 -13.64 4.87 -2.03
CA THR A 625 -14.43 4.01 -1.10
C THR A 625 -15.19 2.92 -1.88
N ALA A 626 -15.17 3.00 -3.21
CA ALA A 626 -15.79 1.98 -4.02
C ALA A 626 -14.64 1.04 -4.16
N ARG A 627 -14.36 0.36 -3.08
CA ARG A 627 -13.28 -0.60 -3.07
C ARG A 627 -13.72 -1.99 -3.47
N MSE A 628 -13.60 -2.27 -4.76
CA MSE A 628 -13.88 -3.58 -5.32
C MSE A 628 -12.54 -4.24 -5.62
O MSE A 628 -12.45 -5.12 -6.50
CB MSE A 628 -14.73 -3.47 -6.57
CG MSE A 628 -16.21 -3.37 -6.23
SE MSE A 628 -17.25 -4.79 -7.12
CE MSE A 628 -17.99 -5.63 -5.50
N ILE A 629 -11.50 -3.78 -4.95
CA ILE A 629 -10.15 -4.27 -5.01
C ILE A 629 -10.10 -5.38 -3.99
N ARG A 630 -10.69 -5.10 -2.83
CA ARG A 630 -10.78 -6.04 -1.75
C ARG A 630 -11.44 -7.34 -2.18
N ASP A 631 -12.50 -7.28 -2.96
CA ASP A 631 -13.14 -8.47 -3.46
C ASP A 631 -12.29 -9.08 -4.53
N TRP A 632 -11.59 -8.25 -5.29
CA TRP A 632 -10.74 -8.78 -6.33
C TRP A 632 -9.56 -9.54 -5.77
N ALA A 633 -9.03 -9.00 -4.69
CA ALA A 633 -7.86 -9.54 -3.96
C ALA A 633 -8.24 -10.85 -3.26
N ARG A 634 -9.35 -10.88 -2.50
CA ARG A 634 -9.76 -12.06 -1.70
C ARG A 634 -10.01 -13.23 -2.67
N LEU A 635 -10.71 -12.95 -3.77
CA LEU A 635 -11.18 -13.97 -4.75
C LEU A 635 -9.95 -14.55 -5.50
N ASN A 636 -9.07 -13.69 -5.99
CA ASN A 636 -7.87 -14.11 -6.75
C ASN A 636 -6.84 -14.73 -5.80
N ALA A 637 -6.75 -14.31 -4.53
CA ALA A 637 -5.90 -14.92 -3.49
C ALA A 637 -6.33 -16.37 -3.30
N ARG A 638 -7.64 -16.62 -3.28
CA ARG A 638 -8.26 -17.93 -2.95
C ARG A 638 -7.86 -18.92 -4.04
N GLN A 639 -7.84 -18.47 -5.29
CA GLN A 639 -7.49 -19.33 -6.44
C GLN A 639 -6.01 -19.74 -6.35
N ILE A 640 -5.12 -18.78 -6.05
CA ILE A 640 -3.67 -19.05 -5.89
C ILE A 640 -3.49 -20.09 -4.78
N ILE A 641 -4.19 -19.95 -3.66
CA ILE A 641 -4.04 -20.85 -2.48
C ILE A 641 -4.62 -22.24 -2.81
N GLN A 642 -5.77 -22.32 -3.45
CA GLN A 642 -6.37 -23.63 -3.85
C GLN A 642 -5.33 -24.35 -4.70
N LEU A 643 -4.83 -23.70 -5.75
CA LEU A 643 -3.90 -24.33 -6.71
C LEU A 643 -2.61 -24.78 -6.00
N ALA A 644 -2.14 -23.99 -5.04
CA ALA A 644 -0.94 -24.30 -4.21
C ALA A 644 -1.23 -25.54 -3.37
N GLU A 645 -2.34 -25.55 -2.63
CA GLU A 645 -2.66 -26.67 -1.72
C GLU A 645 -2.87 -27.93 -2.58
N GLU A 646 -3.49 -27.81 -3.76
CA GLU A 646 -3.82 -28.97 -4.64
C GLU A 646 -2.53 -29.70 -5.02
N ASN A 647 -1.38 -29.00 -5.00
CA ASN A 647 -0.05 -29.54 -5.40
C ASN A 647 0.92 -29.59 -4.22
N GLN A 648 0.43 -29.54 -2.98
CA GLN A 648 1.26 -29.68 -1.74
C GLN A 648 2.54 -28.83 -1.89
N VAL A 649 2.37 -27.60 -2.32
CA VAL A 649 3.44 -26.60 -2.51
C VAL A 649 4.00 -26.20 -1.15
N ASP A 650 5.31 -25.91 -1.10
CA ASP A 650 5.99 -25.35 0.10
C ASP A 650 6.07 -23.83 0.00
N LEU A 651 6.33 -23.30 -1.21
CA LEU A 651 6.76 -21.91 -1.49
C LEU A 651 5.93 -21.40 -2.67
N ILE A 652 5.32 -20.22 -2.51
CA ILE A 652 4.64 -19.44 -3.58
C ILE A 652 5.58 -18.29 -3.93
N VAL A 653 5.89 -18.15 -5.20
CA VAL A 653 6.75 -17.06 -5.72
C VAL A 653 5.82 -16.13 -6.51
N LEU A 654 5.75 -14.87 -6.11
CA LEU A 654 4.92 -13.85 -6.78
C LEU A 654 5.83 -12.86 -7.51
N GLU A 655 5.29 -12.20 -8.52
CA GLU A 655 5.98 -11.13 -9.28
C GLU A 655 5.45 -9.80 -8.75
N SER A 656 6.33 -8.86 -8.42
CA SER A 656 5.93 -7.46 -8.09
C SER A 656 5.62 -6.70 -9.39
N LEU A 657 5.02 -5.51 -9.26
CA LEU A 657 4.47 -4.75 -10.41
C LEU A 657 5.58 -3.88 -11.04
N ARG A 658 5.54 -3.72 -12.37
CA ARG A 658 6.61 -3.06 -13.16
C ARG A 658 6.97 -1.70 -12.55
N GLY A 659 8.27 -1.48 -12.31
CA GLY A 659 8.85 -0.20 -11.88
C GLY A 659 8.28 0.97 -12.67
N PHE A 660 8.43 2.18 -12.12
CA PHE A 660 7.65 3.38 -12.48
C PHE A 660 8.39 4.12 -13.60
N ARG A 661 7.70 4.46 -14.69
CA ARG A 661 8.30 5.03 -15.95
C ARG A 661 8.64 6.50 -15.71
N PRO A 662 9.54 7.12 -16.53
CA PRO A 662 9.96 8.51 -16.30
C PRO A 662 8.91 9.52 -16.77
N PRO A 663 8.85 10.75 -16.19
CA PRO A 663 7.77 11.70 -16.46
C PRO A 663 7.66 12.04 -17.95
N GLY A 664 6.46 12.44 -18.41
CA GLY A 664 6.13 12.61 -19.85
C GLY A 664 5.92 11.25 -20.49
N TYR A 665 4.98 11.16 -21.44
CA TYR A 665 4.38 9.88 -21.92
C TYR A 665 3.73 9.19 -20.71
N GLU A 666 2.97 9.96 -19.92
CA GLU A 666 2.15 9.49 -18.78
C GLU A 666 0.91 10.39 -18.68
N ASN A 667 -0.06 10.21 -19.58
CA ASN A 667 -1.38 10.89 -19.53
C ASN A 667 -1.94 10.71 -18.11
N LEU A 668 -2.21 11.83 -17.41
CA LEU A 668 -2.64 11.87 -15.98
C LEU A 668 -3.39 10.60 -15.58
N ASP A 669 -4.35 10.18 -16.43
CA ASP A 669 -5.30 9.05 -16.18
C ASP A 669 -4.51 7.76 -15.88
N GLN A 670 -3.51 7.45 -16.73
CA GLN A 670 -2.74 6.18 -16.72
C GLN A 670 -1.76 6.12 -15.53
N GLU A 671 -1.41 7.26 -14.90
CA GLU A 671 -0.60 7.28 -13.65
C GLU A 671 -1.54 7.06 -12.46
N LYS A 672 -2.83 7.38 -12.60
CA LYS A 672 -3.88 6.99 -11.62
C LYS A 672 -4.08 5.48 -11.71
N LYS A 673 -4.15 4.90 -12.92
CA LYS A 673 -4.46 3.46 -13.17
C LYS A 673 -3.27 2.57 -12.82
N ARG A 674 -2.04 3.05 -12.99
CA ARG A 674 -0.80 2.35 -12.55
C ARG A 674 -0.74 2.41 -11.02
N ARG A 675 -1.25 3.48 -10.39
CA ARG A 675 -1.27 3.67 -8.91
C ARG A 675 -2.32 2.75 -8.28
N VAL A 676 -3.43 2.48 -8.98
CA VAL A 676 -4.48 1.53 -8.52
C VAL A 676 -3.95 0.09 -8.65
N ALA A 677 -3.39 -0.29 -9.80
CA ALA A 677 -2.68 -1.58 -9.97
C ALA A 677 -1.77 -1.82 -8.76
N PHE A 678 -0.80 -0.93 -8.49
CA PHE A 678 0.21 -1.10 -7.41
C PHE A 678 -0.52 -1.42 -6.10
N PHE A 679 -1.53 -0.64 -5.75
CA PHE A 679 -2.31 -0.83 -4.48
C PHE A 679 -2.98 -2.22 -4.51
N ALA A 680 -3.70 -2.56 -5.56
CA ALA A 680 -4.48 -3.82 -5.68
C ALA A 680 -3.52 -5.02 -5.57
N HIS A 681 -2.38 -4.96 -6.28
CA HIS A 681 -1.37 -6.02 -6.30
C HIS A 681 -0.73 -6.13 -4.92
N GLY A 682 -0.36 -5.02 -4.29
CA GLY A 682 0.07 -5.03 -2.87
C GLY A 682 -0.91 -5.86 -2.03
N ARG A 683 -2.20 -5.75 -2.32
CA ARG A 683 -3.30 -6.34 -1.51
C ARG A 683 -3.37 -7.86 -1.74
N ILE A 684 -3.25 -8.31 -2.99
CA ILE A 684 -3.25 -9.75 -3.37
C ILE A 684 -2.05 -10.44 -2.67
N ARG A 685 -0.85 -9.84 -2.68
CA ARG A 685 0.40 -10.38 -2.10
C ARG A 685 0.19 -10.56 -0.61
N ARG A 686 -0.39 -9.56 0.05
CA ARG A 686 -0.60 -9.60 1.53
C ARG A 686 -1.57 -10.73 1.86
N LYS A 687 -2.71 -10.84 1.16
CA LYS A 687 -3.73 -11.89 1.41
C LYS A 687 -3.15 -13.28 1.13
N VAL A 688 -2.39 -13.46 0.03
CA VAL A 688 -1.81 -14.78 -0.32
C VAL A 688 -0.82 -15.13 0.80
N THR A 689 -0.04 -14.17 1.27
CA THR A 689 0.96 -14.40 2.34
C THR A 689 0.22 -14.85 3.60
N GLU A 690 -0.73 -14.09 4.09
CA GLU A 690 -1.46 -14.44 5.34
C GLU A 690 -2.00 -15.87 5.23
N LYS A 691 -2.73 -16.20 4.15
CA LYS A 691 -3.34 -17.54 3.96
C LYS A 691 -2.22 -18.60 3.91
N ALA A 692 -1.16 -18.35 3.14
CA ALA A 692 -0.04 -19.28 2.94
C ALA A 692 0.53 -19.66 4.32
N VAL A 693 0.86 -18.71 5.16
CA VAL A 693 1.42 -18.97 6.51
C VAL A 693 0.45 -19.85 7.31
N GLU A 694 -0.85 -19.60 7.20
CA GLU A 694 -1.87 -20.42 7.91
C GLU A 694 -1.81 -21.87 7.39
N ARG A 695 -1.56 -22.07 6.10
CA ARG A 695 -1.65 -23.39 5.43
C ARG A 695 -0.23 -23.97 5.26
N GLY A 696 0.68 -23.56 6.13
CA GLY A 696 2.02 -24.12 6.21
C GLY A 696 2.92 -23.80 5.01
N MSE A 697 2.69 -22.68 4.33
CA MSE A 697 3.56 -22.29 3.22
C MSE A 697 4.27 -20.96 3.55
O MSE A 697 4.06 -20.38 4.61
CB MSE A 697 2.75 -22.22 1.94
CG MSE A 697 2.11 -23.58 1.62
SE MSE A 697 0.96 -23.50 0.06
CE MSE A 697 -0.57 -22.40 0.54
N ARG A 698 5.17 -20.61 2.62
CA ARG A 698 5.93 -19.38 2.65
C ARG A 698 5.77 -18.70 1.29
N VAL A 699 6.02 -17.38 1.26
CA VAL A 699 5.85 -16.53 0.05
C VAL A 699 7.09 -15.67 -0.17
N VAL A 700 7.48 -15.52 -1.42
CA VAL A 700 8.58 -14.62 -1.84
C VAL A 700 8.12 -13.86 -3.07
N THR A 701 8.29 -12.54 -3.07
CA THR A 701 7.89 -11.71 -4.20
C THR A 701 9.11 -11.26 -5.01
N VAL A 702 9.28 -11.87 -6.17
CA VAL A 702 10.42 -11.54 -7.04
C VAL A 702 10.18 -10.23 -7.80
N PRO A 703 11.27 -9.62 -8.27
CA PRO A 703 11.23 -8.36 -9.02
C PRO A 703 10.52 -8.51 -10.36
N TYR A 704 9.93 -7.41 -10.85
CA TYR A 704 9.22 -7.44 -12.13
C TYR A 704 10.09 -8.00 -13.24
N LEU A 705 9.56 -8.98 -13.96
CA LEU A 705 10.29 -9.62 -15.05
C LEU A 705 10.71 -8.57 -16.08
N ALA A 706 11.98 -8.19 -16.03
CA ALA A 706 12.52 -7.19 -16.95
C ALA A 706 13.05 -7.80 -18.23
N SER A 707 12.31 -7.67 -19.31
CA SER A 707 12.70 -8.20 -20.61
C SER A 707 13.37 -7.10 -21.42
N SER A 708 14.31 -7.49 -22.29
CA SER A 708 15.03 -6.50 -23.12
C SER A 708 15.13 -6.99 -24.57
N VAL A 744 5.21 -14.42 -29.16
CA VAL A 744 4.60 -13.54 -28.12
C VAL A 744 3.50 -14.33 -27.40
N ASP A 745 3.91 -15.36 -26.63
CA ASP A 745 3.03 -16.26 -25.83
C ASP A 745 3.50 -16.21 -24.37
N GLU A 746 2.74 -16.80 -23.43
CA GLU A 746 2.96 -16.59 -21.97
C GLU A 746 3.67 -17.79 -21.33
N ASN A 747 4.99 -17.60 -21.21
CA ASN A 747 6.00 -18.50 -20.61
C ASN A 747 6.38 -17.97 -19.22
N ALA A 748 5.66 -16.94 -18.74
CA ALA A 748 6.17 -15.91 -17.80
C ALA A 748 6.38 -16.51 -16.41
N ALA A 749 5.43 -17.35 -15.96
CA ALA A 749 5.44 -18.06 -14.67
C ALA A 749 6.66 -18.99 -14.63
N ARG A 750 6.93 -19.68 -15.72
CA ARG A 750 8.10 -20.59 -15.79
C ARG A 750 9.38 -19.74 -15.68
N VAL A 751 9.44 -18.59 -16.35
CA VAL A 751 10.62 -17.67 -16.25
C VAL A 751 10.74 -17.23 -14.78
N LEU A 752 9.64 -16.83 -14.15
CA LEU A 752 9.60 -16.40 -12.74
C LEU A 752 10.27 -17.45 -11.82
N GLY A 753 9.91 -18.74 -11.97
CA GLY A 753 10.54 -19.86 -11.22
C GLY A 753 12.04 -19.95 -11.46
N ARG A 754 12.48 -19.81 -12.70
CA ARG A 754 13.94 -19.89 -13.02
C ARG A 754 14.62 -18.67 -12.37
N VAL A 755 13.96 -17.51 -12.34
CA VAL A 755 14.51 -16.31 -11.67
C VAL A 755 14.70 -16.64 -10.19
N PHE A 756 13.70 -17.27 -9.55
CA PHE A 756 13.83 -17.65 -8.11
C PHE A 756 15.08 -18.50 -7.91
N TRP A 757 15.25 -19.55 -8.74
CA TRP A 757 16.39 -20.50 -8.68
C TRP A 757 17.71 -19.85 -9.12
N GLY A 758 17.66 -18.73 -9.84
CA GLY A 758 18.88 -17.95 -10.18
C GLY A 758 19.64 -18.59 -11.32
N GLU A 759 18.92 -19.01 -12.35
CA GLU A 759 19.47 -19.39 -13.69
C GLU A 759 19.34 -18.21 -14.64
N ILE A 760 18.49 -17.22 -14.29
CA ILE A 760 18.22 -15.98 -15.07
C ILE A 760 18.21 -14.80 -14.08
ZN ZN B . 5.93 22.16 -22.50
ZN ZN C . -0.24 17.57 -33.28
#